data_7DXP
#
_entry.id   7DXP
#
_cell.length_a   54.010
_cell.length_b   60.630
_cell.length_c   82.710
_cell.angle_alpha   106.700
_cell.angle_beta   109.010
_cell.angle_gamma   96.620
#
_symmetry.space_group_name_H-M   'P 1'
#
loop_
_entity.id
_entity.type
_entity.pdbx_description
1 polymer Nucleoprotein
2 polymer "RNA (5'-R(P*(OMU)P*(OMU)P*(OMU)P*(OMU))-3')"
3 non-polymer 1,2-ETHANEDIOL
4 water water
#
loop_
_entity_poly.entity_id
_entity_poly.type
_entity_poly.pdbx_seq_one_letter_code
_entity_poly.pdbx_strand_id
1 'polypeptide(L)'
;MGSSHHHHHHSSGLVPRGSHMASMTGGQQMGRGSEFMASQGTKRSYEQMETGGERQNATEIRASVGRMVGGIGRFYIQMC
TELKLSDQEGRLIQNSITIERMVLSAFDERRNRYLEEHPSAGKDPKKTGGPIYRRRDGKWVRELILYDKEEIRRIWRQAN
NGEDATAGLTHMMIWHSNLNDATYQRTRALVRTGMDPRMCSLMQGSTLPRRSGAAGAAIKGVGTMVMELIRMIKRGINDR
NFWRGENGRRTRIAYERMCNILKGKFQTAAQKAMMDQVRESRNPGNAEIEDLIFLARSALILRGSIAHKSCLPACVYGLA
VASGYDFEREGYSLVGIDPFRLLQNSQVFSLIRPNENPAHKSQLVWMACHSAAFEDLRVSSFIRGTRVIPRGQLSTRGVQ
IASNENVEAMDSSTLELRSRYWAIRTRSGGNTNQQRAFKGNTEGRTSDMRTEIIRMMESARPEDVSFQGRGVFELSDEKA
TNPIVPSFDMSNEGSYFFGDNAEEYDN
;
A,B
2 'polydeoxyribonucleotide' (OMU)(OMU)(OMU)(OMU)(OMU)(OMU)(OMU)(OMU)(OMU) C
#
# COMPACT_ATOMS: atom_id res chain seq x y z
N THR A 59 11.02 -6.55 34.15
CA THR A 59 11.56 -7.51 33.15
C THR A 59 10.76 -8.81 33.16
N GLU A 60 10.13 -9.19 34.28
CA GLU A 60 9.36 -10.46 34.33
C GLU A 60 7.93 -10.22 33.82
N ILE A 61 7.45 -8.96 33.89
CA ILE A 61 6.21 -8.49 33.20
C ILE A 61 6.43 -8.63 31.69
N ARG A 62 7.54 -8.10 31.18
CA ARG A 62 7.93 -8.17 29.75
C ARG A 62 8.03 -9.63 29.35
N ALA A 63 8.51 -10.48 30.25
CA ALA A 63 8.73 -11.93 30.02
C ALA A 63 7.40 -12.64 29.78
N SER A 64 6.43 -12.35 30.65
CA SER A 64 5.07 -12.94 30.66
C SER A 64 4.27 -12.45 29.44
N VAL A 65 4.33 -11.17 29.13
CA VAL A 65 3.68 -10.60 27.90
C VAL A 65 4.37 -11.19 26.65
N GLY A 66 5.72 -11.29 26.64
CA GLY A 66 6.48 -11.94 25.57
C GLY A 66 5.93 -13.33 25.33
N ARG A 67 5.70 -14.10 26.38
CA ARG A 67 5.29 -15.52 26.23
C ARG A 67 3.87 -15.56 25.66
N MET A 68 2.99 -14.66 26.06
CA MET A 68 1.58 -14.60 25.54
C MET A 68 1.62 -14.36 24.02
N VAL A 69 2.31 -13.33 23.59
CA VAL A 69 2.35 -12.90 22.16
C VAL A 69 3.05 -13.98 21.30
N GLY A 70 4.16 -14.54 21.82
CA GLY A 70 4.85 -15.69 21.18
C GLY A 70 3.94 -16.88 21.06
N GLY A 71 3.15 -17.19 22.08
CA GLY A 71 2.12 -18.24 21.99
C GLY A 71 1.09 -17.97 20.91
N ILE A 72 0.62 -16.73 20.77
CA ILE A 72 -0.39 -16.42 19.71
C ILE A 72 0.26 -16.67 18.35
N GLY A 73 1.47 -16.18 18.16
CA GLY A 73 2.31 -16.39 16.96
C GLY A 73 2.42 -17.87 16.63
N ARG A 74 2.76 -18.69 17.62
CA ARG A 74 2.98 -20.15 17.44
C ARG A 74 1.65 -20.76 17.05
N PHE A 75 0.57 -20.36 17.71
CA PHE A 75 -0.77 -20.85 17.34
C PHE A 75 -1.07 -20.51 15.87
N TYR A 76 -0.82 -19.25 15.51
CA TYR A 76 -1.16 -18.80 14.14
C TYR A 76 -0.34 -19.63 13.15
N ILE A 77 0.95 -19.82 13.40
CA ILE A 77 1.83 -20.60 12.48
C ILE A 77 1.27 -22.02 12.34
N GLN A 78 0.90 -22.66 13.45
CA GLN A 78 0.32 -24.04 13.43
C GLN A 78 -0.98 -24.03 12.63
N MET A 79 -1.87 -23.05 12.82
CA MET A 79 -3.18 -23.05 12.10
C MET A 79 -2.95 -22.88 10.60
N CYS A 80 -1.92 -22.10 10.22
CA CYS A 80 -1.52 -21.88 8.78
C CYS A 80 -0.98 -23.19 8.16
N THR A 81 -0.21 -23.99 8.89
CA THR A 81 0.26 -25.29 8.36
C THR A 81 -0.98 -26.21 8.29
N GLU A 82 -1.78 -26.29 9.37
CA GLU A 82 -3.02 -27.10 9.47
C GLU A 82 -3.99 -26.85 8.30
N LEU A 83 -4.16 -25.60 7.89
CA LEU A 83 -5.12 -25.18 6.82
C LEU A 83 -4.36 -25.08 5.49
N LYS A 84 -3.09 -25.50 5.45
CA LYS A 84 -2.27 -25.48 4.21
C LYS A 84 -2.34 -24.06 3.60
N LEU A 85 -2.36 -23.03 4.44
CA LEU A 85 -2.25 -21.63 3.99
C LEU A 85 -0.82 -21.39 3.53
N SER A 86 -0.65 -20.80 2.35
CA SER A 86 0.65 -20.25 1.91
C SER A 86 0.96 -19.04 2.78
N ASP A 87 2.21 -18.61 2.77
CA ASP A 87 2.73 -17.45 3.55
C ASP A 87 2.00 -16.18 3.11
N GLN A 88 1.62 -16.08 1.86
CA GLN A 88 0.87 -14.91 1.31
C GLN A 88 -0.55 -14.90 1.86
N GLU A 89 -1.21 -16.06 1.80
CA GLU A 89 -2.58 -16.25 2.35
C GLU A 89 -2.56 -15.96 3.86
N GLY A 90 -1.49 -16.37 4.54
CA GLY A 90 -1.38 -16.24 6.01
C GLY A 90 -1.16 -14.79 6.42
N ARG A 91 -0.76 -13.91 5.50
CA ARG A 91 -0.60 -12.47 5.81
C ARG A 91 -1.90 -11.70 5.56
N LEU A 92 -2.97 -12.36 5.09
CA LEU A 92 -4.28 -11.73 4.87
C LEU A 92 -4.98 -11.53 6.22
N ILE A 93 -5.30 -10.28 6.58
CA ILE A 93 -5.89 -9.92 7.89
C ILE A 93 -7.25 -10.60 8.04
N GLN A 94 -7.98 -10.81 6.95
CA GLN A 94 -9.27 -11.55 6.99
C GLN A 94 -9.03 -12.99 7.46
N ASN A 95 -7.93 -13.62 7.04
CA ASN A 95 -7.58 -14.99 7.48
C ASN A 95 -7.28 -14.97 9.00
N SER A 96 -6.53 -13.98 9.48
CA SER A 96 -6.15 -13.78 10.89
C SER A 96 -7.42 -13.69 11.73
N ILE A 97 -8.39 -12.92 11.27
CA ILE A 97 -9.66 -12.68 12.03
C ILE A 97 -10.48 -13.97 12.07
N THR A 98 -10.55 -14.74 10.98
CA THR A 98 -11.23 -16.06 11.01
C THR A 98 -10.51 -16.97 12.01
N ILE A 99 -9.20 -17.08 11.96
CA ILE A 99 -8.43 -17.95 12.90
C ILE A 99 -8.68 -17.45 14.34
N GLU A 100 -8.57 -16.16 14.59
CA GLU A 100 -8.76 -15.61 15.96
C GLU A 100 -10.20 -15.91 16.42
N ARG A 101 -11.20 -15.73 15.55
CA ARG A 101 -12.63 -15.96 15.93
C ARG A 101 -12.84 -17.44 16.28
N MET A 102 -12.19 -18.35 15.55
CA MET A 102 -12.29 -19.81 15.77
C MET A 102 -11.72 -20.19 17.14
N VAL A 103 -10.55 -19.72 17.53
CA VAL A 103 -9.96 -20.12 18.85
C VAL A 103 -10.79 -19.47 19.95
N LEU A 104 -11.35 -18.30 19.72
CA LEU A 104 -12.20 -17.64 20.74
C LEU A 104 -13.51 -18.42 20.92
N SER A 105 -14.16 -18.87 19.85
CA SER A 105 -15.44 -19.61 19.95
C SER A 105 -15.18 -20.98 20.63
N ALA A 106 -14.10 -21.65 20.24
CA ALA A 106 -13.66 -22.96 20.77
C ALA A 106 -13.50 -22.90 22.29
N PHE A 107 -13.19 -21.74 22.88
CA PHE A 107 -13.09 -21.59 24.37
C PHE A 107 -14.34 -20.90 24.94
N ASP A 108 -15.45 -21.04 24.22
CA ASP A 108 -16.85 -20.66 24.57
C ASP A 108 -16.97 -19.18 24.21
N GLU A 109 -18.20 -18.64 24.10
CA GLU A 109 -18.51 -17.41 23.32
C GLU A 109 -17.59 -16.21 23.66
N ARG A 110 -16.62 -16.38 24.59
CA ARG A 110 -15.86 -15.29 25.28
C ARG A 110 -16.62 -14.91 26.56
N ARG A 111 -17.95 -14.84 26.46
CA ARG A 111 -18.94 -14.52 27.53
C ARG A 111 -18.38 -14.89 28.90
N LYS A 123 -26.86 -24.59 14.27
CA LYS A 123 -25.77 -25.44 13.71
C LYS A 123 -25.08 -26.21 14.84
N ASP A 124 -24.19 -27.15 14.48
CA ASP A 124 -23.56 -28.09 15.42
C ASP A 124 -22.72 -27.31 16.44
N PRO A 125 -23.09 -27.30 17.74
CA PRO A 125 -22.38 -26.48 18.73
C PRO A 125 -20.98 -27.02 19.12
N LYS A 126 -20.61 -28.22 18.66
CA LYS A 126 -19.26 -28.80 18.87
C LYS A 126 -18.31 -28.30 17.78
N LYS A 127 -18.79 -27.47 16.85
CA LYS A 127 -18.01 -27.17 15.64
C LYS A 127 -17.90 -25.67 15.43
N THR A 128 -16.74 -25.23 14.96
CA THR A 128 -16.47 -23.80 14.66
C THR A 128 -15.83 -23.71 13.27
N GLY A 129 -15.75 -22.49 12.76
CA GLY A 129 -15.22 -22.25 11.42
C GLY A 129 -15.63 -20.88 10.93
N GLY A 130 -15.46 -20.66 9.64
CA GLY A 130 -15.84 -19.43 8.94
C GLY A 130 -15.00 -19.37 7.68
N PRO A 131 -14.90 -18.21 7.03
CA PRO A 131 -14.25 -18.11 5.73
C PRO A 131 -12.72 -17.98 5.84
N ILE A 132 -12.04 -18.79 5.03
CA ILE A 132 -10.59 -18.75 4.71
C ILE A 132 -10.46 -18.39 3.22
N TYR A 133 -9.60 -17.40 2.92
CA TYR A 133 -9.47 -16.85 1.55
C TYR A 133 -8.14 -17.31 0.98
N ARG A 134 -8.18 -17.88 -0.23
CA ARG A 134 -7.02 -18.51 -0.89
C ARG A 134 -6.83 -17.93 -2.29
N ARG A 135 -5.58 -17.94 -2.75
CA ARG A 135 -5.21 -17.55 -4.12
C ARG A 135 -5.39 -18.77 -5.02
N ARG A 136 -6.38 -18.74 -5.93
CA ARG A 136 -6.56 -19.78 -6.96
C ARG A 136 -6.79 -19.08 -8.30
N ASP A 137 -5.84 -19.26 -9.24
CA ASP A 137 -5.91 -18.80 -10.65
C ASP A 137 -5.99 -17.27 -10.66
N GLY A 138 -5.10 -16.62 -9.91
CA GLY A 138 -4.94 -15.16 -9.88
C GLY A 138 -6.13 -14.44 -9.29
N LYS A 139 -6.96 -15.07 -8.47
CA LYS A 139 -8.07 -14.37 -7.77
C LYS A 139 -8.15 -14.89 -6.33
N TRP A 140 -8.80 -14.14 -5.45
CA TRP A 140 -9.13 -14.58 -4.08
C TRP A 140 -10.40 -15.40 -4.15
N VAL A 141 -10.41 -16.56 -3.51
CA VAL A 141 -11.64 -17.40 -3.44
C VAL A 141 -11.91 -17.67 -1.95
N ARG A 142 -13.18 -17.59 -1.58
CA ARG A 142 -13.72 -17.91 -0.25
C ARG A 142 -13.88 -19.44 -0.21
N GLU A 143 -13.27 -20.09 0.79
CA GLU A 143 -13.53 -21.48 1.21
C GLU A 143 -14.06 -21.45 2.64
N LEU A 144 -15.29 -21.93 2.87
CA LEU A 144 -15.84 -22.14 4.24
C LEU A 144 -15.17 -23.36 4.87
N ILE A 145 -14.69 -23.24 6.11
CA ILE A 145 -14.01 -24.34 6.86
C ILE A 145 -14.79 -24.64 8.13
N LEU A 146 -14.65 -25.86 8.63
CA LEU A 146 -15.36 -26.34 9.83
C LEU A 146 -14.40 -27.23 10.61
N TYR A 147 -14.24 -26.94 11.90
CA TYR A 147 -13.32 -27.64 12.82
C TYR A 147 -14.09 -27.97 14.09
N ASP A 148 -13.87 -29.17 14.63
CA ASP A 148 -14.23 -29.50 16.03
C ASP A 148 -13.51 -28.51 16.93
N LYS A 149 -14.28 -27.85 17.79
CA LYS A 149 -13.74 -26.95 18.81
C LYS A 149 -12.63 -27.67 19.58
N GLU A 150 -12.89 -28.94 19.91
CA GLU A 150 -11.97 -29.75 20.74
C GLU A 150 -10.56 -29.71 20.14
N GLU A 151 -10.41 -29.96 18.84
CA GLU A 151 -9.06 -29.98 18.19
C GLU A 151 -8.44 -28.56 18.19
N ILE A 152 -9.21 -27.48 17.98
CA ILE A 152 -8.72 -26.06 18.04
C ILE A 152 -8.15 -25.79 19.44
N ARG A 153 -8.89 -26.17 20.49
CA ARG A 153 -8.45 -26.05 21.90
C ARG A 153 -7.10 -26.74 22.07
N ARG A 154 -7.00 -27.95 21.52
CA ARG A 154 -5.77 -28.78 21.61
C ARG A 154 -4.65 -27.99 20.93
N ILE A 155 -4.88 -27.48 19.72
CA ILE A 155 -3.82 -26.78 18.92
C ILE A 155 -3.41 -25.53 19.70
N TRP A 156 -4.36 -24.78 20.30
CA TRP A 156 -4.06 -23.60 21.15
C TRP A 156 -3.19 -23.98 22.35
N ARG A 157 -3.60 -25.01 23.10
CA ARG A 157 -2.84 -25.50 24.29
C ARG A 157 -1.45 -25.99 23.85
N GLN A 158 -1.38 -26.75 22.79
CA GLN A 158 -0.07 -27.27 22.31
C GLN A 158 0.84 -26.10 21.90
N ALA A 159 0.31 -25.00 21.34
CA ALA A 159 1.12 -23.79 21.03
C ALA A 159 1.52 -23.03 22.29
N ASN A 160 0.72 -23.14 23.36
CA ASN A 160 0.98 -22.44 24.65
C ASN A 160 1.53 -23.45 25.69
N ASN A 161 2.08 -24.56 25.20
CA ASN A 161 2.97 -25.49 25.95
C ASN A 161 2.17 -26.05 27.13
N GLY A 162 0.91 -26.40 26.86
CA GLY A 162 0.01 -27.11 27.78
C GLY A 162 -0.82 -26.19 28.63
N GLU A 163 -0.31 -25.01 29.00
CA GLU A 163 -1.07 -23.99 29.78
C GLU A 163 -2.36 -23.62 29.04
N ASP A 164 -3.34 -23.10 29.76
CA ASP A 164 -4.61 -22.65 29.14
C ASP A 164 -4.48 -21.14 29.06
N ALA A 165 -3.52 -20.68 28.25
CA ALA A 165 -3.12 -19.26 28.03
C ALA A 165 -4.37 -18.39 27.78
N THR A 166 -5.09 -18.06 28.85
CA THR A 166 -6.34 -17.29 28.78
C THR A 166 -5.97 -15.83 28.51
N ALA A 167 -4.82 -15.35 29.01
CA ALA A 167 -4.32 -13.99 28.71
C ALA A 167 -4.27 -13.79 27.18
N GLY A 168 -3.77 -14.76 26.41
CA GLY A 168 -3.66 -14.66 24.94
C GLY A 168 -5.03 -14.61 24.28
N LEU A 169 -6.00 -15.37 24.80
CA LEU A 169 -7.38 -15.32 24.28
C LEU A 169 -7.90 -13.89 24.47
N THR A 170 -7.73 -13.32 25.66
CA THR A 170 -8.37 -12.03 26.01
C THR A 170 -7.67 -10.97 25.17
N HIS A 171 -6.40 -11.20 24.86
CA HIS A 171 -5.58 -10.28 24.02
C HIS A 171 -6.20 -10.19 22.61
N MET A 172 -6.54 -11.33 22.00
CA MET A 172 -7.20 -11.36 20.67
C MET A 172 -8.60 -10.69 20.75
N MET A 173 -9.29 -10.90 21.87
CA MET A 173 -10.62 -10.28 22.16
C MET A 173 -10.49 -8.75 22.16
N ILE A 174 -9.45 -8.24 22.80
CA ILE A 174 -9.27 -6.78 22.95
C ILE A 174 -8.91 -6.21 21.58
N TRP A 175 -8.19 -6.98 20.78
CA TRP A 175 -7.91 -6.60 19.37
C TRP A 175 -9.24 -6.51 18.60
N HIS A 176 -10.15 -7.48 18.76
CA HIS A 176 -11.47 -7.45 18.08
C HIS A 176 -12.29 -6.25 18.56
N SER A 177 -12.29 -6.01 19.86
CA SER A 177 -13.00 -4.85 20.49
C SER A 177 -12.42 -3.52 19.97
N ASN A 178 -11.11 -3.42 19.82
CA ASN A 178 -10.48 -2.15 19.40
C ASN A 178 -10.82 -1.93 17.91
N LEU A 179 -10.85 -3.00 17.13
CA LEU A 179 -11.21 -2.91 15.71
C LEU A 179 -12.66 -2.50 15.60
N ASN A 180 -13.55 -3.07 16.41
CA ASN A 180 -14.99 -2.71 16.33
C ASN A 180 -15.14 -1.23 16.69
N ASP A 181 -14.51 -0.79 17.78
CA ASP A 181 -14.51 0.63 18.21
C ASP A 181 -14.11 1.54 17.04
N ALA A 182 -13.11 1.16 16.23
CA ALA A 182 -12.61 1.99 15.12
C ALA A 182 -13.57 1.92 13.92
N THR A 183 -14.38 0.86 13.81
CA THR A 183 -15.23 0.56 12.63
C THR A 183 -16.70 1.02 12.79
N TYR A 184 -17.37 0.65 13.90
CA TYR A 184 -18.84 0.78 13.99
C TYR A 184 -19.27 1.90 14.93
N GLN A 185 -20.39 2.52 14.55
CA GLN A 185 -21.21 3.48 15.32
C GLN A 185 -22.02 2.73 16.40
N ARG A 186 -22.20 3.35 17.56
CA ARG A 186 -23.01 2.83 18.69
C ARG A 186 -24.09 3.84 19.12
N THR A 187 -24.37 4.88 18.32
CA THR A 187 -25.24 6.03 18.66
C THR A 187 -26.69 5.51 18.86
N ARG A 188 -27.11 4.52 18.07
CA ARG A 188 -28.45 3.89 18.21
C ARG A 188 -28.54 3.14 19.55
N ALA A 189 -27.54 2.32 19.88
CA ALA A 189 -27.50 1.61 21.19
C ALA A 189 -27.58 2.65 22.32
N LEU A 190 -26.89 3.79 22.17
CA LEU A 190 -26.86 4.91 23.14
C LEU A 190 -28.27 5.51 23.32
N VAL A 191 -28.94 5.81 22.21
CA VAL A 191 -30.26 6.48 22.23
C VAL A 191 -31.24 5.50 22.88
N ARG A 192 -31.20 4.23 22.50
CA ARG A 192 -32.06 3.15 23.07
C ARG A 192 -31.94 3.12 24.61
N THR A 193 -30.77 3.48 25.17
CA THR A 193 -30.47 3.39 26.63
C THR A 193 -30.77 4.74 27.31
N GLY A 194 -31.21 5.75 26.56
CA GLY A 194 -31.49 7.08 27.12
C GLY A 194 -30.24 7.91 27.32
N MET A 195 -29.17 7.61 26.59
CA MET A 195 -27.89 8.35 26.68
C MET A 195 -27.78 9.32 25.48
N ASP A 196 -26.80 10.21 25.51
CA ASP A 196 -26.55 11.19 24.41
C ASP A 196 -25.69 10.54 23.35
N PRO A 197 -25.95 10.83 22.05
CA PRO A 197 -25.01 10.50 20.98
C PRO A 197 -23.60 11.05 21.17
N ARG A 198 -23.46 12.22 21.80
CA ARG A 198 -22.15 12.84 22.10
C ARG A 198 -21.29 11.88 22.97
N MET A 199 -21.92 10.90 23.63
CA MET A 199 -21.17 9.98 24.52
C MET A 199 -20.45 8.91 23.69
N CYS A 200 -20.49 8.99 22.35
CA CYS A 200 -19.76 8.09 21.42
C CYS A 200 -18.29 7.99 21.85
N SER A 201 -17.71 9.11 22.32
CA SER A 201 -16.27 9.23 22.61
C SER A 201 -15.94 8.55 23.94
N LEU A 202 -16.93 8.03 24.65
CA LEU A 202 -16.78 7.38 25.99
C LEU A 202 -17.04 5.87 25.90
N MET A 203 -17.18 5.31 24.69
CA MET A 203 -17.67 3.91 24.51
C MET A 203 -16.52 2.92 24.20
N GLN A 204 -15.28 3.18 24.60
CA GLN A 204 -14.23 2.12 24.44
C GLN A 204 -14.74 0.82 25.03
N GLY A 205 -14.57 -0.26 24.29
CA GLY A 205 -14.85 -1.64 24.74
C GLY A 205 -16.32 -1.96 24.78
N SER A 206 -17.18 -1.14 24.15
CA SER A 206 -18.66 -1.29 24.25
C SER A 206 -19.12 -2.58 23.55
N THR A 207 -18.32 -3.19 22.69
CA THR A 207 -18.68 -4.49 22.05
C THR A 207 -18.05 -5.70 22.78
N LEU A 208 -17.29 -5.51 23.87
CA LEU A 208 -16.59 -6.61 24.60
C LEU A 208 -17.64 -7.61 25.08
N PRO A 209 -17.38 -8.91 24.96
CA PRO A 209 -18.26 -9.90 25.56
C PRO A 209 -18.45 -9.69 27.06
N ARG A 210 -19.71 -9.78 27.53
CA ARG A 210 -20.11 -9.94 28.95
C ARG A 210 -19.00 -10.66 29.74
N ARG A 211 -18.44 -10.01 30.77
CA ARG A 211 -17.29 -10.57 31.55
C ARG A 211 -16.19 -10.97 30.57
N SER A 212 -15.24 -10.06 30.36
CA SER A 212 -13.93 -10.27 29.69
C SER A 212 -12.81 -10.20 30.75
N GLY A 213 -13.20 -10.35 32.02
CA GLY A 213 -12.26 -10.24 33.15
C GLY A 213 -11.64 -8.86 33.23
N ALA A 214 -10.46 -8.78 33.86
CA ALA A 214 -9.87 -7.54 34.40
C ALA A 214 -9.27 -6.70 33.26
N ALA A 215 -8.70 -7.31 32.22
CA ALA A 215 -8.14 -6.56 31.07
C ALA A 215 -9.31 -5.89 30.33
N GLY A 216 -10.41 -6.63 30.10
CA GLY A 216 -11.66 -6.13 29.50
C GLY A 216 -12.18 -4.92 30.24
N ALA A 217 -12.46 -5.11 31.51
CA ALA A 217 -13.00 -4.07 32.43
C ALA A 217 -12.05 -2.86 32.48
N ALA A 218 -10.75 -3.08 32.48
CA ALA A 218 -9.73 -1.99 32.49
C ALA A 218 -9.87 -1.07 31.27
N ILE A 219 -10.17 -1.59 30.07
CA ILE A 219 -10.25 -0.74 28.84
C ILE A 219 -11.68 -0.23 28.57
N LYS A 220 -12.70 -0.70 29.28
CA LYS A 220 -14.09 -0.22 29.07
C LYS A 220 -14.15 1.25 29.46
N GLY A 221 -14.68 2.10 28.59
CA GLY A 221 -14.83 3.54 28.90
C GLY A 221 -15.97 3.76 29.89
N VAL A 222 -16.13 4.99 30.36
CA VAL A 222 -17.19 5.44 31.29
C VAL A 222 -18.57 5.17 30.68
N GLY A 223 -18.76 5.56 29.42
CA GLY A 223 -20.02 5.37 28.67
C GLY A 223 -20.40 3.90 28.64
N THR A 224 -19.44 3.03 28.37
CA THR A 224 -19.64 1.57 28.28
C THR A 224 -20.18 1.03 29.60
N MET A 225 -19.54 1.40 30.72
CA MET A 225 -19.92 1.04 32.11
C MET A 225 -21.30 1.63 32.42
N VAL A 226 -21.55 2.89 32.04
CA VAL A 226 -22.87 3.57 32.28
C VAL A 226 -23.96 2.86 31.49
N MET A 227 -23.73 2.57 30.20
CA MET A 227 -24.69 1.83 29.36
C MET A 227 -25.01 0.48 30.03
N GLU A 228 -24.00 -0.26 30.50
CA GLU A 228 -24.21 -1.58 31.17
C GLU A 228 -25.04 -1.41 32.46
N LEU A 229 -24.71 -0.43 33.30
CA LEU A 229 -25.45 -0.19 34.57
C LEU A 229 -26.88 0.23 34.25
N ILE A 230 -27.11 1.16 33.29
CA ILE A 230 -28.49 1.59 32.91
C ILE A 230 -29.27 0.36 32.43
N ARG A 231 -28.66 -0.54 31.63
CA ARG A 231 -29.36 -1.76 31.13
C ARG A 231 -29.77 -2.63 32.32
N MET A 232 -28.95 -2.74 33.37
CA MET A 232 -29.27 -3.54 34.58
C MET A 232 -30.42 -2.88 35.37
N ILE A 233 -30.29 -1.60 35.73
CA ILE A 233 -31.37 -0.82 36.43
C ILE A 233 -32.72 -1.09 35.73
N LYS A 234 -32.79 -0.93 34.39
CA LYS A 234 -34.03 -1.02 33.58
C LYS A 234 -34.62 -2.43 33.70
N ARG A 235 -33.81 -3.49 33.67
CA ARG A 235 -34.34 -4.87 33.82
C ARG A 235 -34.99 -4.98 35.21
N GLY A 236 -34.37 -4.37 36.23
CA GLY A 236 -34.83 -4.33 37.63
C GLY A 236 -36.13 -3.56 37.79
N ILE A 237 -36.26 -2.41 37.12
CA ILE A 237 -37.58 -1.79 36.78
C ILE A 237 -38.22 -2.73 35.75
N PHE A 242 -36.39 -9.33 39.57
CA PHE A 242 -34.99 -9.37 39.07
C PHE A 242 -34.02 -9.35 40.26
N TRP A 243 -34.29 -8.52 41.29
CA TRP A 243 -33.45 -8.38 42.52
C TRP A 243 -33.87 -9.39 43.58
N ASN A 247 -30.31 -15.78 43.75
CA ASN A 247 -30.23 -15.32 42.34
C ASN A 247 -30.23 -13.78 42.31
N GLY A 248 -31.12 -13.16 43.09
CA GLY A 248 -31.16 -11.70 43.28
C GLY A 248 -29.95 -11.20 44.05
N ARG A 249 -29.45 -11.99 45.01
CA ARG A 249 -28.18 -11.72 45.75
C ARG A 249 -27.05 -11.69 44.71
N ARG A 250 -27.06 -12.62 43.76
CA ARG A 250 -26.07 -12.72 42.65
C ARG A 250 -25.97 -11.35 41.96
N THR A 251 -27.02 -10.97 41.20
CA THR A 251 -27.04 -9.78 40.30
C THR A 251 -26.73 -8.51 41.12
N ARG A 252 -26.99 -8.52 42.44
CA ARG A 252 -26.69 -7.35 43.32
C ARG A 252 -25.18 -7.12 43.44
N ILE A 253 -24.35 -8.17 43.59
CA ILE A 253 -22.88 -7.96 43.71
C ILE A 253 -22.30 -7.65 42.32
N ALA A 254 -22.79 -8.31 41.27
CA ALA A 254 -22.45 -7.96 39.87
C ALA A 254 -22.67 -6.45 39.66
N TYR A 255 -23.83 -5.93 40.08
CA TYR A 255 -24.18 -4.49 40.07
C TYR A 255 -23.14 -3.70 40.87
N GLU A 256 -22.79 -4.18 42.06
CA GLU A 256 -21.88 -3.46 42.98
C GLU A 256 -20.48 -3.41 42.34
N ARG A 257 -19.99 -4.53 41.81
CA ARG A 257 -18.63 -4.59 41.22
C ARG A 257 -18.60 -3.61 40.03
N MET A 258 -19.64 -3.64 39.18
CA MET A 258 -19.74 -2.74 38.01
C MET A 258 -19.65 -1.28 38.48
N CYS A 259 -20.30 -0.94 39.58
CA CYS A 259 -20.20 0.42 40.18
C CYS A 259 -18.77 0.73 40.62
N ASN A 260 -18.05 -0.22 41.23
CA ASN A 260 -16.67 0.03 41.74
C ASN A 260 -15.71 0.16 40.56
N ILE A 261 -15.85 -0.68 39.53
CA ILE A 261 -15.05 -0.56 38.28
C ILE A 261 -15.24 0.85 37.72
N LEU A 262 -16.49 1.30 37.58
CA LEU A 262 -16.78 2.66 37.04
C LEU A 262 -16.25 3.73 38.00
N LYS A 263 -16.42 3.54 39.32
CA LYS A 263 -15.81 4.43 40.36
C LYS A 263 -14.30 4.49 40.17
N GLY A 264 -13.64 3.36 39.95
CA GLY A 264 -12.19 3.33 39.69
C GLY A 264 -11.78 4.28 38.57
N LYS A 265 -12.63 4.46 37.55
CA LYS A 265 -12.27 5.21 36.32
C LYS A 265 -12.43 6.72 36.53
N PHE A 266 -13.34 7.17 37.38
CA PHE A 266 -13.46 8.62 37.66
C PHE A 266 -12.24 9.11 38.46
N GLN A 267 -11.80 10.35 38.22
CA GLN A 267 -10.52 10.87 38.76
C GLN A 267 -10.77 11.96 39.82
N THR A 268 -12.03 12.34 40.10
CA THR A 268 -12.40 13.33 41.14
C THR A 268 -13.22 12.68 42.25
N ALA A 269 -13.01 13.12 43.50
CA ALA A 269 -13.69 12.65 44.73
C ALA A 269 -15.20 12.82 44.58
N ALA A 270 -15.62 13.98 44.07
CA ALA A 270 -17.05 14.28 43.81
C ALA A 270 -17.64 13.16 42.94
N GLN A 271 -17.03 12.87 41.77
CA GLN A 271 -17.60 11.86 40.83
C GLN A 271 -17.63 10.51 41.54
N LYS A 272 -16.54 10.15 42.23
CA LYS A 272 -16.39 8.84 42.93
C LYS A 272 -17.44 8.69 44.04
N ALA A 273 -17.75 9.78 44.74
CA ALA A 273 -18.69 9.84 45.88
C ALA A 273 -20.09 9.50 45.35
N MET A 274 -20.45 10.19 44.27
CA MET A 274 -21.71 10.03 43.52
C MET A 274 -21.92 8.56 43.15
N MET A 275 -20.86 7.86 42.73
CA MET A 275 -20.92 6.41 42.41
C MET A 275 -21.15 5.60 43.67
N ASP A 276 -20.49 5.95 44.79
CA ASP A 276 -20.73 5.29 46.10
C ASP A 276 -22.24 5.33 46.42
N GLN A 277 -22.86 6.50 46.26
CA GLN A 277 -24.32 6.75 46.43
C GLN A 277 -25.11 5.86 45.48
N VAL A 278 -24.68 5.77 44.23
CA VAL A 278 -25.41 4.96 43.21
C VAL A 278 -25.27 3.48 43.61
N ARG A 279 -24.09 3.06 44.08
CA ARG A 279 -23.86 1.64 44.45
C ARG A 279 -24.77 1.25 45.65
N GLU A 280 -25.01 2.18 46.58
CA GLU A 280 -25.79 1.88 47.81
C GLU A 280 -27.17 2.56 47.79
N SER A 281 -27.94 2.34 46.72
CA SER A 281 -29.43 2.44 46.69
C SER A 281 -29.98 1.01 46.76
N ARG A 282 -30.93 0.75 47.67
CA ARG A 282 -31.47 -0.64 47.83
C ARG A 282 -32.45 -0.91 46.69
N ASN A 283 -33.16 0.11 46.17
CA ASN A 283 -33.98 -0.07 44.93
C ASN A 283 -33.46 0.85 43.83
N PRO A 284 -32.41 0.42 43.08
CA PRO A 284 -31.92 1.17 41.92
C PRO A 284 -33.03 1.41 40.87
N GLY A 285 -33.28 2.67 40.52
CA GLY A 285 -34.24 3.02 39.46
C GLY A 285 -33.87 4.30 38.74
N ASN A 286 -34.86 5.06 38.29
CA ASN A 286 -34.72 6.25 37.42
C ASN A 286 -33.73 7.26 38.02
N ALA A 287 -33.71 7.43 39.33
CA ALA A 287 -32.86 8.45 39.99
C ALA A 287 -31.38 8.09 39.80
N GLU A 288 -31.07 6.79 39.81
CA GLU A 288 -29.71 6.23 39.59
C GLU A 288 -29.36 6.36 38.09
N ILE A 289 -30.25 5.97 37.18
CA ILE A 289 -30.06 6.24 35.72
C ILE A 289 -29.73 7.72 35.51
N GLU A 290 -30.53 8.62 36.09
CA GLU A 290 -30.35 10.09 35.96
C GLU A 290 -28.97 10.50 36.46
N ASP A 291 -28.52 9.93 37.60
CA ASP A 291 -27.17 10.19 38.19
C ASP A 291 -26.11 9.59 37.26
N LEU A 292 -26.36 8.40 36.68
CA LEU A 292 -25.40 7.78 35.72
C LEU A 292 -25.30 8.66 34.45
N ILE A 293 -26.41 9.18 33.93
CA ILE A 293 -26.40 10.10 32.76
C ILE A 293 -25.58 11.36 33.11
N PHE A 294 -25.79 11.92 34.31
CA PHE A 294 -25.08 13.15 34.78
C PHE A 294 -23.58 12.88 34.79
N LEU A 295 -23.20 11.70 35.28
CA LEU A 295 -21.78 11.32 35.45
C LEU A 295 -21.16 11.12 34.05
N ALA A 296 -21.87 10.49 33.12
CA ALA A 296 -21.42 10.29 31.72
C ALA A 296 -21.14 11.66 31.10
N ARG A 297 -22.06 12.61 31.29
CA ARG A 297 -21.92 13.98 30.74
C ARG A 297 -20.67 14.65 31.31
N SER A 298 -20.43 14.50 32.61
CA SER A 298 -19.28 15.10 33.33
C SER A 298 -17.98 14.50 32.79
N ALA A 299 -17.98 13.20 32.45
CA ALA A 299 -16.81 12.47 31.89
C ALA A 299 -16.39 13.08 30.54
N LEU A 300 -17.24 13.90 29.91
CA LEU A 300 -16.90 14.63 28.66
C LEU A 300 -15.95 15.79 28.96
N ILE A 301 -15.88 16.27 30.20
CA ILE A 301 -15.01 17.43 30.57
C ILE A 301 -14.02 16.99 31.67
N LEU A 302 -14.51 16.36 32.74
CA LEU A 302 -13.65 15.74 33.78
C LEU A 302 -13.43 14.27 33.43
N ARG A 303 -12.48 14.02 32.53
CA ARG A 303 -12.31 12.72 31.81
C ARG A 303 -11.83 11.66 32.78
N GLY A 304 -12.30 10.42 32.55
CA GLY A 304 -11.88 9.21 33.27
C GLY A 304 -10.44 8.79 32.96
N SER A 305 -9.93 7.83 33.72
CA SER A 305 -8.66 7.08 33.51
C SER A 305 -8.98 5.69 32.97
N ILE A 306 -8.68 5.48 31.70
CA ILE A 306 -9.06 4.26 30.93
C ILE A 306 -7.76 3.64 30.44
N ALA A 307 -7.59 2.34 30.65
CA ALA A 307 -6.50 1.57 30.03
C ALA A 307 -6.72 1.54 28.50
N HIS A 308 -5.63 1.66 27.74
CA HIS A 308 -5.58 1.54 26.26
CA HIS A 308 -5.55 1.56 26.26
C HIS A 308 -4.51 0.47 25.97
N LYS A 309 -4.90 -0.62 25.30
CA LYS A 309 -4.02 -1.77 25.03
C LYS A 309 -3.89 -1.91 23.52
N SER A 310 -2.69 -1.70 22.95
CA SER A 310 -2.37 -1.97 21.52
C SER A 310 -2.15 -3.46 21.31
N CYS A 311 -3.15 -4.12 20.77
CA CYS A 311 -3.13 -5.57 20.50
C CYS A 311 -3.24 -5.76 19.01
N LEU A 312 -2.37 -6.59 18.44
CA LEU A 312 -2.26 -6.69 16.98
C LEU A 312 -2.91 -7.98 16.53
N PRO A 313 -3.30 -8.08 15.24
CA PRO A 313 -3.83 -9.32 14.74
C PRO A 313 -2.78 -10.43 14.92
N ALA A 314 -3.24 -11.67 15.10
CA ALA A 314 -2.36 -12.85 15.29
C ALA A 314 -1.32 -12.98 14.17
N CYS A 315 -1.68 -12.64 12.93
CA CYS A 315 -0.80 -12.79 11.73
C CYS A 315 0.46 -11.95 11.89
N VAL A 316 0.43 -10.83 12.61
CA VAL A 316 1.63 -9.99 12.85
C VAL A 316 2.52 -10.71 13.87
N TYR A 317 1.99 -11.28 14.94
CA TYR A 317 2.83 -12.04 15.91
C TYR A 317 3.37 -13.30 15.23
N GLY A 318 2.53 -13.96 14.42
CA GLY A 318 2.88 -15.15 13.64
C GLY A 318 4.04 -14.86 12.71
N LEU A 319 3.96 -13.79 11.93
CA LEU A 319 5.07 -13.41 11.02
C LEU A 319 6.31 -13.10 11.87
N ALA A 320 6.17 -12.38 12.98
CA ALA A 320 7.31 -12.12 13.86
C ALA A 320 7.89 -13.47 14.32
N VAL A 321 7.09 -14.46 14.75
CA VAL A 321 7.79 -15.65 15.32
C VAL A 321 8.40 -16.48 14.17
N ALA A 322 7.89 -16.43 12.94
CA ALA A 322 8.41 -17.21 11.80
C ALA A 322 9.80 -16.70 11.42
N SER A 323 10.06 -15.40 11.60
CA SER A 323 11.37 -14.71 11.42
C SER A 323 12.34 -14.96 12.58
N GLY A 324 12.00 -15.88 13.48
CA GLY A 324 12.86 -16.31 14.59
C GLY A 324 12.86 -15.31 15.73
N TYR A 325 12.01 -14.30 15.71
CA TYR A 325 11.91 -13.37 16.85
C TYR A 325 11.52 -14.21 18.07
N ASP A 326 12.19 -13.95 19.19
CA ASP A 326 12.02 -14.69 20.47
C ASP A 326 11.39 -13.73 21.46
N PHE A 327 10.06 -13.71 21.54
CA PHE A 327 9.33 -12.70 22.36
C PHE A 327 9.63 -12.94 23.84
N GLU A 328 9.81 -14.21 24.24
CA GLU A 328 10.05 -14.63 25.65
C GLU A 328 11.36 -14.02 26.15
N ARG A 329 12.42 -14.11 25.34
CA ARG A 329 13.77 -13.60 25.66
C ARG A 329 13.83 -12.08 25.55
N GLU A 330 13.36 -11.50 24.44
CA GLU A 330 13.38 -10.03 24.24
C GLU A 330 12.37 -9.37 25.17
N GLY A 331 11.39 -10.15 25.67
CA GLY A 331 10.22 -9.58 26.35
C GLY A 331 9.31 -8.88 25.36
N TYR A 332 8.19 -8.35 25.83
CA TYR A 332 7.25 -7.54 25.01
C TYR A 332 6.41 -6.70 25.96
N SER A 333 6.00 -5.52 25.49
CA SER A 333 5.13 -4.59 26.25
C SER A 333 4.09 -4.01 25.29
N LEU A 334 2.86 -3.83 25.75
CA LEU A 334 1.73 -3.29 24.93
C LEU A 334 1.71 -1.76 24.95
N VAL A 335 2.76 -1.10 25.43
CA VAL A 335 2.68 0.27 26.01
C VAL A 335 3.76 1.19 25.41
N GLY A 336 4.92 0.67 25.03
CA GLY A 336 5.99 1.55 24.52
C GLY A 336 6.24 1.33 23.04
N ILE A 337 7.51 1.13 22.71
CA ILE A 337 7.97 1.09 21.29
C ILE A 337 7.54 -0.24 20.66
N ASP A 338 7.32 -1.30 21.45
CA ASP A 338 7.29 -2.72 21.00
C ASP A 338 6.27 -2.91 19.87
N PRO A 339 5.00 -2.52 20.05
CA PRO A 339 4.01 -2.65 18.96
C PRO A 339 4.35 -1.81 17.71
N PHE A 340 5.01 -0.68 17.92
CA PHE A 340 5.38 0.22 16.80
C PHE A 340 6.49 -0.46 16.00
N ARG A 341 7.44 -1.10 16.69
CA ARG A 341 8.55 -1.80 15.99
C ARG A 341 7.95 -2.89 15.12
N LEU A 342 7.05 -3.70 15.68
CA LEU A 342 6.42 -4.82 14.96
C LEU A 342 5.63 -4.28 13.77
N LEU A 343 4.83 -3.23 14.00
CA LEU A 343 4.02 -2.75 12.85
C LEU A 343 4.91 -2.17 11.77
N GLN A 344 6.00 -1.51 12.16
CA GLN A 344 6.91 -0.83 11.19
C GLN A 344 7.47 -1.84 10.18
N ASN A 345 7.75 -3.09 10.57
CA ASN A 345 8.34 -4.14 9.69
C ASN A 345 7.28 -5.16 9.24
N SER A 346 5.99 -4.89 9.51
CA SER A 346 4.86 -5.82 9.24
C SER A 346 4.58 -5.88 7.75
N GLN A 347 3.93 -6.94 7.30
CA GLN A 347 3.39 -7.08 5.92
C GLN A 347 2.06 -7.76 6.08
N VAL A 348 1.03 -6.93 6.16
CA VAL A 348 -0.38 -7.36 6.30
C VAL A 348 -1.14 -6.94 5.04
N PHE A 349 -1.84 -7.87 4.43
CA PHE A 349 -2.69 -7.64 3.27
C PHE A 349 -4.13 -7.54 3.77
N SER A 350 -4.97 -6.83 3.02
CA SER A 350 -6.43 -6.79 3.25
C SER A 350 -7.18 -6.93 1.92
N LEU A 351 -8.24 -7.73 1.90
CA LEU A 351 -9.27 -7.59 0.85
C LEU A 351 -9.75 -6.14 0.84
N ILE A 352 -9.94 -5.57 -0.36
CA ILE A 352 -10.44 -4.19 -0.61
C ILE A 352 -11.73 -4.34 -1.43
N ARG A 353 -12.86 -3.80 -0.98
CA ARG A 353 -14.10 -3.81 -1.81
C ARG A 353 -13.92 -2.85 -2.99
N PRO A 354 -14.59 -3.08 -4.14
CA PRO A 354 -14.62 -2.10 -5.23
C PRO A 354 -15.00 -0.70 -4.71
N ASN A 355 -14.30 0.35 -5.13
CA ASN A 355 -14.60 1.75 -4.76
C ASN A 355 -14.18 2.03 -3.32
N GLU A 356 -13.52 1.11 -2.63
CA GLU A 356 -12.90 1.45 -1.32
C GLU A 356 -11.48 1.94 -1.56
N ASN A 357 -11.08 2.93 -0.79
CA ASN A 357 -9.73 3.52 -0.76
C ASN A 357 -8.85 2.72 0.19
N PRO A 358 -7.83 1.99 -0.33
CA PRO A 358 -6.90 1.23 0.51
C PRO A 358 -6.18 2.04 1.60
N ALA A 359 -5.90 3.32 1.35
CA ALA A 359 -5.26 4.19 2.38
C ALA A 359 -6.26 4.42 3.53
N HIS A 360 -7.56 4.30 3.26
CA HIS A 360 -8.63 4.52 4.29
C HIS A 360 -8.76 3.24 5.14
N LYS A 361 -8.73 2.08 4.50
CA LYS A 361 -8.66 0.77 5.18
C LYS A 361 -7.42 0.66 6.09
N SER A 362 -6.27 1.16 5.63
CA SER A 362 -4.99 1.24 6.39
C SER A 362 -5.17 2.07 7.65
N GLN A 363 -5.76 3.27 7.52
CA GLN A 363 -6.04 4.12 8.71
C GLN A 363 -6.88 3.34 9.73
N LEU A 364 -7.93 2.66 9.28
CA LEU A 364 -8.83 1.88 10.15
C LEU A 364 -8.00 0.92 10.97
N VAL A 365 -7.13 0.13 10.31
CA VAL A 365 -6.35 -0.95 10.98
C VAL A 365 -5.24 -0.33 11.85
N TRP A 366 -4.60 0.74 11.41
CA TRP A 366 -3.54 1.43 12.20
C TRP A 366 -4.16 1.91 13.52
N MET A 367 -5.38 2.39 13.43
CA MET A 367 -6.16 2.98 14.55
C MET A 367 -6.55 1.86 15.54
N ALA A 368 -7.11 0.78 15.02
CA ALA A 368 -7.45 -0.41 15.79
C ALA A 368 -6.20 -0.93 16.50
N CYS A 369 -5.07 -1.04 15.79
CA CYS A 369 -3.83 -1.64 16.34
C CYS A 369 -3.32 -0.81 17.50
N HIS A 370 -3.42 0.53 17.43
CA HIS A 370 -2.88 1.49 18.43
C HIS A 370 -3.99 1.95 19.40
N SER A 371 -5.14 1.26 19.40
CA SER A 371 -6.30 1.58 20.28
C SER A 371 -6.52 3.10 20.34
N ALA A 372 -6.68 3.73 19.18
CA ALA A 372 -6.58 5.19 18.98
C ALA A 372 -7.90 5.80 18.54
N ALA A 373 -9.04 5.08 18.54
CA ALA A 373 -10.33 5.65 18.11
C ALA A 373 -10.73 6.86 18.96
N PHE A 374 -10.34 6.85 20.24
CA PHE A 374 -10.85 7.80 21.25
C PHE A 374 -9.78 8.86 21.51
N GLU A 375 -8.71 8.82 20.73
CA GLU A 375 -7.61 9.80 20.85
C GLU A 375 -7.91 10.98 19.95
N ASP A 376 -7.36 12.12 20.32
CA ASP A 376 -7.40 13.36 19.51
C ASP A 376 -6.74 13.07 18.18
N LEU A 377 -7.43 13.31 17.06
CA LEU A 377 -6.90 13.08 15.70
C LEU A 377 -5.58 13.84 15.43
N ARG A 378 -5.38 15.01 16.05
CA ARG A 378 -4.17 15.84 15.81
C ARG A 378 -2.98 15.19 16.51
N VAL A 379 -3.20 14.59 17.67
CA VAL A 379 -2.20 13.71 18.36
C VAL A 379 -1.89 12.51 17.45
N SER A 380 -2.92 11.77 17.03
CA SER A 380 -2.78 10.58 16.15
C SER A 380 -2.03 10.97 14.87
N SER A 381 -2.41 12.10 14.25
CA SER A 381 -1.79 12.59 12.99
C SER A 381 -0.28 12.82 13.19
N PHE A 382 0.07 13.44 14.31
CA PHE A 382 1.45 13.84 14.60
C PHE A 382 2.33 12.60 14.67
N ILE A 383 1.93 11.66 15.53
CA ILE A 383 2.61 10.35 15.75
C ILE A 383 2.68 9.60 14.40
N ARG A 384 1.60 9.62 13.63
CA ARG A 384 1.52 8.79 12.42
C ARG A 384 2.41 9.40 11.33
N GLY A 385 2.43 10.73 11.24
CA GLY A 385 3.14 11.47 10.19
C GLY A 385 2.32 11.61 8.92
N THR A 386 1.07 11.14 8.90
CA THR A 386 0.10 11.43 7.80
C THR A 386 -1.24 11.65 8.49
N ARG A 387 -2.07 12.48 7.87
CA ARG A 387 -3.31 12.94 8.53
C ARG A 387 -4.23 11.74 8.83
N VAL A 388 -4.71 11.68 10.07
CA VAL A 388 -5.69 10.67 10.55
C VAL A 388 -7.01 11.41 10.58
N ILE A 389 -7.94 11.03 9.71
CA ILE A 389 -9.16 11.82 9.39
C ILE A 389 -10.35 11.22 10.12
N PRO A 390 -11.38 12.04 10.40
CA PRO A 390 -12.64 11.53 10.94
C PRO A 390 -13.22 10.36 10.13
N ARG A 391 -13.90 9.44 10.83
CA ARG A 391 -14.48 8.21 10.24
C ARG A 391 -15.43 8.59 9.10
N GLY A 392 -16.23 9.64 9.30
CA GLY A 392 -17.21 10.12 8.30
C GLY A 392 -16.58 10.43 6.97
N GLN A 393 -15.26 10.67 6.93
CA GLN A 393 -14.56 11.03 5.68
C GLN A 393 -13.87 9.81 5.08
N LEU A 394 -13.95 8.64 5.71
CA LEU A 394 -13.28 7.42 5.20
C LEU A 394 -14.13 6.78 4.09
N SER A 395 -13.51 6.37 3.00
CA SER A 395 -14.10 5.53 1.92
C SER A 395 -13.71 4.08 2.18
N THR A 396 -14.15 3.52 3.28
CA THR A 396 -14.12 2.06 3.52
C THR A 396 -15.24 1.69 4.46
N ARG A 397 -15.69 0.45 4.33
CA ARG A 397 -16.41 -0.26 5.38
C ARG A 397 -15.36 -1.16 6.04
N GLY A 398 -15.81 -2.02 6.93
CA GLY A 398 -14.91 -2.73 7.88
C GLY A 398 -14.11 -3.79 7.18
N VAL A 399 -13.22 -4.40 7.92
CA VAL A 399 -12.25 -5.42 7.45
C VAL A 399 -12.97 -6.72 7.11
N GLN A 400 -13.90 -7.14 7.96
CA GLN A 400 -14.61 -8.44 7.80
C GLN A 400 -15.48 -8.34 6.55
N ILE A 401 -15.46 -9.39 5.73
CA ILE A 401 -16.29 -9.51 4.51
C ILE A 401 -17.53 -10.34 4.87
N ALA A 402 -18.71 -9.80 4.62
CA ALA A 402 -20.00 -10.52 4.86
C ALA A 402 -20.14 -11.69 3.86
N SER A 403 -20.96 -12.67 4.24
CA SER A 403 -21.20 -13.96 3.54
C SER A 403 -21.70 -13.78 2.11
N ASN A 404 -22.56 -12.79 1.89
CA ASN A 404 -23.22 -12.53 0.59
C ASN A 404 -22.29 -11.73 -0.33
N GLU A 405 -21.06 -11.38 0.10
CA GLU A 405 -20.18 -10.50 -0.73
C GLU A 405 -19.35 -11.36 -1.70
N ASN A 406 -19.01 -10.79 -2.84
CA ASN A 406 -18.31 -11.48 -3.95
C ASN A 406 -16.81 -11.22 -3.82
N VAL A 407 -16.03 -12.20 -3.36
CA VAL A 407 -14.60 -11.97 -3.04
C VAL A 407 -13.76 -12.07 -4.33
N GLU A 408 -14.30 -12.73 -5.36
CA GLU A 408 -13.60 -12.96 -6.65
C GLU A 408 -13.42 -11.63 -7.38
N ALA A 409 -14.31 -10.68 -7.13
CA ALA A 409 -14.23 -9.30 -7.65
C ALA A 409 -13.22 -8.44 -6.90
N MET A 410 -12.66 -8.90 -5.77
CA MET A 410 -11.87 -8.05 -4.84
C MET A 410 -10.38 -8.23 -5.06
N ASP A 411 -9.63 -7.16 -5.01
CA ASP A 411 -8.16 -7.19 -5.01
C ASP A 411 -7.77 -7.26 -3.53
N SER A 412 -6.50 -7.47 -3.20
CA SER A 412 -5.94 -7.18 -1.87
C SER A 412 -4.84 -6.10 -2.00
N SER A 413 -4.64 -5.29 -0.96
CA SER A 413 -3.54 -4.32 -0.81
C SER A 413 -2.78 -4.62 0.48
N THR A 414 -1.50 -4.27 0.44
CA THR A 414 -0.64 -4.20 1.63
C THR A 414 -1.24 -3.06 2.43
N LEU A 415 -1.55 -3.30 3.69
CA LEU A 415 -1.95 -2.24 4.62
C LEU A 415 -0.70 -1.41 4.93
N GLU A 416 -0.85 -0.10 4.98
CA GLU A 416 0.20 0.83 5.43
C GLU A 416 0.04 1.01 6.94
N LEU A 417 0.89 0.37 7.74
CA LEU A 417 0.74 0.35 9.21
C LEU A 417 1.92 1.02 9.92
N ARG A 418 2.79 1.72 9.21
CA ARG A 418 3.96 2.40 9.83
C ARG A 418 3.55 3.70 10.55
N SER A 419 4.41 4.18 11.45
CA SER A 419 4.34 5.53 12.06
C SER A 419 5.67 6.24 11.83
N ARG A 420 5.63 7.57 11.86
CA ARG A 420 6.81 8.45 11.90
C ARG A 420 7.38 8.37 13.31
N TYR A 421 6.54 8.51 14.34
CA TYR A 421 7.00 8.48 15.74
C TYR A 421 6.29 7.35 16.47
N TRP A 422 6.82 7.04 17.66
CA TRP A 422 6.17 6.20 18.67
C TRP A 422 5.94 7.13 19.86
N ALA A 423 5.13 6.68 20.83
CA ALA A 423 4.61 7.47 21.97
C ALA A 423 4.37 6.57 23.19
N ILE A 424 4.44 7.12 24.39
CA ILE A 424 4.20 6.36 25.66
C ILE A 424 2.80 6.69 26.19
N SER A 447 -26.50 15.85 45.15
CA SER A 447 -26.88 17.21 44.71
C SER A 447 -25.83 18.23 45.16
N ASP A 448 -25.16 17.99 46.30
CA ASP A 448 -23.91 18.71 46.67
C ASP A 448 -22.82 18.35 45.65
N MET A 449 -22.58 17.05 45.48
CA MET A 449 -21.54 16.50 44.57
C MET A 449 -21.85 16.96 43.13
N ARG A 450 -23.13 16.91 42.72
CA ARG A 450 -23.58 17.50 41.42
C ARG A 450 -23.06 18.93 41.25
N THR A 451 -23.37 19.81 42.21
CA THR A 451 -23.00 21.24 42.22
C THR A 451 -21.48 21.39 42.07
N GLU A 452 -20.72 20.65 42.89
CA GLU A 452 -19.24 20.69 42.87
C GLU A 452 -18.72 20.12 41.55
N ILE A 453 -19.37 19.08 40.97
CA ILE A 453 -18.97 18.54 39.63
C ILE A 453 -19.27 19.62 38.56
N ILE A 454 -20.38 20.35 38.66
CA ILE A 454 -20.70 21.50 37.76
C ILE A 454 -19.65 22.61 37.91
N ARG A 455 -19.28 22.97 39.14
CA ARG A 455 -18.30 24.06 39.37
C ARG A 455 -17.00 23.67 38.64
N MET A 456 -16.55 22.42 38.81
CA MET A 456 -15.30 21.90 38.19
C MET A 456 -15.43 21.94 36.66
N MET A 457 -16.56 21.46 36.14
CA MET A 457 -16.85 21.45 34.68
C MET A 457 -16.73 22.87 34.11
N GLU A 458 -17.27 23.88 34.80
CA GLU A 458 -17.23 25.31 34.35
C GLU A 458 -15.78 25.84 34.40
N SER A 459 -15.01 25.45 35.42
CA SER A 459 -13.62 25.91 35.70
C SER A 459 -12.63 25.33 34.68
N ALA A 460 -12.97 24.22 34.02
CA ALA A 460 -12.12 23.60 32.98
C ALA A 460 -11.87 24.61 31.84
N ARG A 461 -10.64 24.68 31.31
CA ARG A 461 -10.18 25.67 30.29
C ARG A 461 -10.15 24.97 28.92
N GLY A 471 5.34 11.91 25.93
CA GLY A 471 6.48 11.22 25.28
C GLY A 471 6.19 10.79 23.84
N VAL A 472 6.63 11.57 22.86
CA VAL A 472 6.77 11.18 21.42
C VAL A 472 8.28 11.10 21.12
N PHE A 473 8.72 10.02 20.48
CA PHE A 473 10.14 9.74 20.19
C PHE A 473 10.28 9.21 18.76
N GLU A 474 11.48 9.32 18.20
CA GLU A 474 11.84 8.68 16.92
C GLU A 474 11.93 7.17 17.15
N LEU A 475 11.68 6.36 16.12
CA LEU A 475 11.77 4.87 16.16
C LEU A 475 13.23 4.46 16.33
N SER A 476 14.19 5.32 15.94
CA SER A 476 15.64 5.15 16.21
C SER A 476 15.98 5.47 17.68
N ASP A 477 15.09 6.14 18.42
CA ASP A 477 15.29 6.49 19.86
C ASP A 477 14.68 5.37 20.74
N GLU A 478 15.22 4.16 20.65
CA GLU A 478 14.84 2.94 21.41
C GLU A 478 14.63 3.25 22.90
N LYS A 479 15.62 3.85 23.56
CA LYS A 479 15.47 4.41 24.93
C LYS A 479 14.90 5.80 24.73
N ALA A 480 13.91 6.18 25.52
CA ALA A 480 13.10 7.40 25.28
C ALA A 480 13.86 8.62 25.82
N THR A 481 14.93 9.05 25.14
CA THR A 481 15.91 10.07 25.62
C THR A 481 15.61 11.47 25.08
N ASN A 482 15.01 11.56 23.89
CA ASN A 482 14.90 12.84 23.12
C ASN A 482 13.43 13.15 22.80
N PRO A 483 12.62 13.55 23.79
CA PRO A 483 11.21 13.89 23.53
C PRO A 483 11.11 14.88 22.37
N ILE A 484 10.28 14.58 21.38
CA ILE A 484 10.05 15.45 20.19
C ILE A 484 8.93 16.40 20.58
N VAL A 485 9.09 17.69 20.32
CA VAL A 485 8.04 18.67 20.71
C VAL A 485 6.92 18.58 19.68
N PRO A 486 5.68 18.24 20.08
CA PRO A 486 4.57 18.09 19.11
C PRO A 486 4.20 19.40 18.41
N SER A 487 3.84 19.30 17.14
CA SER A 487 3.33 20.39 16.29
C SER A 487 2.02 19.91 15.66
N PHE A 488 0.87 20.45 16.08
CA PHE A 488 -0.51 20.03 15.70
C PHE A 488 -1.17 21.03 14.74
N ASP A 489 -1.99 20.56 13.81
CA ASP A 489 -2.85 21.45 12.99
C ASP A 489 -4.15 21.74 13.76
N MET A 490 -4.15 22.78 14.59
CA MET A 490 -5.22 23.05 15.59
C MET A 490 -6.56 23.36 14.90
N SER A 491 -6.57 23.58 13.59
CA SER A 491 -7.80 23.94 12.83
C SER A 491 -8.48 22.66 12.31
N ASN A 492 -7.84 21.50 12.42
CA ASN A 492 -8.49 20.20 12.13
C ASN A 492 -9.34 19.81 13.35
N GLU A 493 -10.37 19.02 13.11
CA GLU A 493 -11.23 18.46 14.16
C GLU A 493 -10.43 17.42 14.95
N GLY A 494 -10.70 17.33 16.23
CA GLY A 494 -10.02 16.43 17.18
C GLY A 494 -10.74 15.10 17.29
N SER A 495 -12.03 15.05 17.01
CA SER A 495 -12.83 13.84 17.32
C SER A 495 -12.98 13.00 16.06
N TYR A 496 -12.64 11.71 16.17
CA TYR A 496 -12.82 10.71 15.08
C TYR A 496 -14.31 10.65 14.69
N PHE A 497 -15.21 11.05 15.60
CA PHE A 497 -16.68 10.83 15.53
C PHE A 497 -17.38 12.07 14.95
N PHE A 498 -16.67 13.17 14.71
CA PHE A 498 -17.29 14.35 14.06
C PHE A 498 -17.70 13.97 12.64
N GLY A 499 -18.91 14.29 12.24
CA GLY A 499 -19.46 13.92 10.92
C GLY A 499 -19.65 12.42 10.75
N ASP A 500 -19.75 11.63 11.82
CA ASP A 500 -19.79 10.14 11.73
C ASP A 500 -20.96 9.66 10.87
N ASN A 501 -20.73 8.68 9.98
CA ASN A 501 -21.74 8.00 9.13
C ASN A 501 -21.53 6.47 9.11
N ALA A 502 -20.70 5.92 9.98
CA ALA A 502 -20.35 4.47 9.98
C ALA A 502 -21.62 3.66 10.23
N GLU A 503 -21.65 2.42 9.76
CA GLU A 503 -22.72 1.42 10.09
C GLU A 503 -22.77 1.23 11.61
N GLU A 504 -23.99 1.01 12.09
CA GLU A 504 -24.30 0.73 13.50
C GLU A 504 -23.88 -0.72 13.70
N TYR A 505 -23.25 -1.01 14.84
CA TYR A 505 -22.88 -2.37 15.27
C TYR A 505 -24.14 -3.24 15.43
N ASP A 506 -24.13 -4.47 14.88
CA ASP A 506 -25.19 -5.51 15.01
C ASP A 506 -24.65 -6.83 14.42
N ALA B 58 11.33 -3.37 -44.60
CA ALA B 58 12.56 -2.67 -45.05
C ALA B 58 13.61 -2.63 -43.92
N THR B 59 14.60 -3.56 -43.95
CA THR B 59 15.98 -3.58 -43.37
C THR B 59 16.56 -2.18 -43.15
N GLU B 60 15.92 -1.17 -43.76
CA GLU B 60 16.14 0.28 -43.56
C GLU B 60 15.74 0.70 -42.14
N ILE B 61 14.73 0.04 -41.56
CA ILE B 61 14.26 0.24 -40.16
C ILE B 61 15.40 -0.20 -39.22
N ARG B 62 15.94 -1.41 -39.41
CA ARG B 62 17.09 -1.93 -38.62
C ARG B 62 18.30 -1.00 -38.78
N ALA B 63 18.44 -0.37 -39.95
CA ALA B 63 19.57 0.53 -40.30
C ALA B 63 19.47 1.81 -39.44
N SER B 64 18.27 2.38 -39.41
CA SER B 64 17.90 3.62 -38.69
C SER B 64 17.98 3.42 -37.16
N VAL B 65 17.48 2.31 -36.66
CA VAL B 65 17.55 1.96 -35.21
C VAL B 65 19.04 1.72 -34.85
N GLY B 66 19.80 1.02 -35.72
CA GLY B 66 21.25 0.83 -35.55
C GLY B 66 21.93 2.17 -35.34
N ARG B 67 21.58 3.15 -36.17
CA ARG B 67 22.26 4.47 -36.16
C ARG B 67 21.92 5.20 -34.85
N MET B 68 20.68 5.08 -34.36
CA MET B 68 20.21 5.73 -33.10
C MET B 68 21.05 5.20 -31.94
N VAL B 69 21.11 3.89 -31.78
CA VAL B 69 21.76 3.32 -30.57
C VAL B 69 23.28 3.46 -30.67
N GLY B 70 23.86 3.37 -31.87
CA GLY B 70 25.27 3.72 -32.11
C GLY B 70 25.56 5.16 -31.74
N GLY B 71 24.68 6.11 -32.11
CA GLY B 71 24.78 7.49 -31.62
C GLY B 71 24.77 7.58 -30.09
N ILE B 72 23.90 6.83 -29.40
CA ILE B 72 23.83 6.91 -27.91
C ILE B 72 25.16 6.42 -27.35
N GLY B 73 25.65 5.32 -27.85
CA GLY B 73 26.94 4.70 -27.53
C GLY B 73 28.07 5.70 -27.63
N ARG B 74 28.11 6.38 -28.78
CA ARG B 74 29.21 7.34 -29.07
C ARG B 74 29.10 8.48 -28.09
N PHE B 75 27.87 8.96 -27.87
CA PHE B 75 27.62 10.03 -26.88
C PHE B 75 28.17 9.59 -25.52
N TYR B 76 27.80 8.37 -25.11
CA TYR B 76 28.16 7.92 -23.74
C TYR B 76 29.69 7.86 -23.65
N ILE B 77 30.36 7.32 -24.66
CA ILE B 77 31.85 7.21 -24.63
C ILE B 77 32.45 8.63 -24.48
N GLN B 78 31.97 9.60 -25.26
CA GLN B 78 32.46 11.01 -25.20
C GLN B 78 32.21 11.60 -23.80
N MET B 79 31.04 11.34 -23.20
CA MET B 79 30.71 11.95 -21.90
C MET B 79 31.64 11.38 -20.82
N CYS B 80 32.01 10.10 -20.95
CA CYS B 80 32.92 9.38 -20.04
C CYS B 80 34.34 9.94 -20.13
N THR B 81 34.82 10.28 -21.33
CA THR B 81 36.18 10.84 -21.46
C THR B 81 36.11 12.27 -20.90
N GLU B 82 35.10 13.03 -21.29
CA GLU B 82 34.82 14.43 -20.82
C GLU B 82 34.76 14.54 -19.30
N LEU B 83 34.15 13.57 -18.60
CA LEU B 83 34.03 13.55 -17.12
C LEU B 83 35.19 12.74 -16.51
N LYS B 84 36.16 12.32 -17.30
CA LYS B 84 37.30 11.49 -16.81
C LYS B 84 36.76 10.32 -15.96
N LEU B 85 35.66 9.70 -16.39
CA LEU B 85 35.20 8.41 -15.83
C LEU B 85 36.17 7.32 -16.28
N SER B 86 36.67 6.50 -15.36
CA SER B 86 37.37 5.23 -15.67
C SER B 86 36.35 4.29 -16.30
N ASP B 87 36.81 3.23 -16.96
CA ASP B 87 35.93 2.29 -17.71
C ASP B 87 35.05 1.53 -16.69
N GLN B 88 35.51 1.38 -15.46
CA GLN B 88 34.75 0.75 -14.34
C GLN B 88 33.62 1.69 -13.94
N GLU B 89 33.93 2.97 -13.76
CA GLU B 89 32.95 4.00 -13.34
C GLU B 89 31.92 4.16 -14.47
N GLY B 90 32.34 4.00 -15.70
CA GLY B 90 31.46 4.17 -16.87
C GLY B 90 30.50 3.01 -17.03
N ARG B 91 30.76 1.88 -16.35
CA ARG B 91 29.84 0.72 -16.38
C ARG B 91 28.87 0.81 -15.20
N LEU B 92 28.94 1.83 -14.35
CA LEU B 92 28.01 2.01 -13.22
C LEU B 92 26.70 2.61 -13.72
N ILE B 93 25.59 1.88 -13.56
CA ILE B 93 24.25 2.28 -14.07
C ILE B 93 23.82 3.64 -13.46
N GLN B 94 24.20 3.94 -12.24
CA GLN B 94 23.88 5.27 -11.63
C GLN B 94 24.56 6.38 -12.45
N ASN B 95 25.77 6.16 -12.95
CA ASN B 95 26.48 7.13 -13.83
C ASN B 95 25.71 7.30 -15.16
N SER B 96 25.27 6.19 -15.76
CA SER B 96 24.54 6.15 -17.05
C SER B 96 23.28 7.00 -16.90
N ILE B 97 22.56 6.82 -15.79
CA ILE B 97 21.28 7.52 -15.54
C ILE B 97 21.53 9.03 -15.34
N THR B 98 22.56 9.43 -14.60
CA THR B 98 22.94 10.88 -14.48
C THR B 98 23.26 11.45 -15.86
N ILE B 99 24.09 10.78 -16.66
CA ILE B 99 24.43 11.28 -18.01
C ILE B 99 23.15 11.32 -18.88
N GLU B 100 22.31 10.29 -18.82
CA GLU B 100 21.06 10.30 -19.64
C GLU B 100 20.15 11.47 -19.20
N ARG B 101 20.03 11.72 -17.89
CA ARG B 101 19.15 12.79 -17.36
C ARG B 101 19.67 14.15 -17.83
N MET B 102 20.97 14.33 -17.86
CA MET B 102 21.65 15.57 -18.32
C MET B 102 21.34 15.84 -19.78
N VAL B 103 21.47 14.88 -20.70
CA VAL B 103 21.22 15.16 -22.13
C VAL B 103 19.74 15.45 -22.31
N LEU B 104 18.88 14.77 -21.57
CA LEU B 104 17.41 15.00 -21.67
C LEU B 104 17.07 16.42 -21.18
N SER B 105 17.64 16.90 -20.09
CA SER B 105 17.32 18.24 -19.54
C SER B 105 17.83 19.33 -20.52
N ALA B 106 19.05 19.15 -21.01
CA ALA B 106 19.75 20.02 -21.98
C ALA B 106 18.88 20.24 -23.23
N PHE B 107 18.04 19.27 -23.64
CA PHE B 107 17.19 19.38 -24.85
C PHE B 107 15.74 19.64 -24.46
N ASP B 108 15.45 19.86 -23.17
CA ASP B 108 14.05 20.16 -22.73
C ASP B 108 13.84 21.67 -22.90
N GLU B 109 13.54 22.10 -24.13
CA GLU B 109 13.25 23.52 -24.48
C GLU B 109 11.93 23.97 -23.82
N ARG B 110 11.96 24.21 -22.50
CA ARG B 110 10.88 24.91 -21.73
C ARG B 110 11.53 26.04 -20.90
N ARG B 111 12.60 25.73 -20.11
CA ARG B 111 13.59 26.71 -19.56
C ARG B 111 12.99 27.61 -18.48
N ASN B 112 12.03 28.45 -18.88
CA ASN B 112 11.46 29.55 -18.06
C ASN B 112 12.62 30.37 -17.47
N ARG B 113 13.68 30.63 -18.26
CA ARG B 113 14.70 31.67 -17.92
C ARG B 113 13.96 32.79 -17.17
N TYR B 114 13.86 32.66 -15.85
CA TYR B 114 13.37 33.67 -14.86
C TYR B 114 13.37 33.04 -13.47
N ALA B 121 14.00 29.06 -7.49
CA ALA B 121 14.81 30.27 -7.21
C ALA B 121 16.24 30.00 -7.68
N GLY B 122 17.24 29.99 -6.78
CA GLY B 122 18.70 29.98 -7.05
C GLY B 122 19.18 28.75 -7.80
N LYS B 123 18.90 28.69 -9.10
CA LYS B 123 19.26 27.56 -10.00
C LYS B 123 19.48 28.13 -11.41
N ASP B 124 20.72 28.14 -11.89
CA ASP B 124 21.07 28.67 -13.22
C ASP B 124 20.40 27.80 -14.29
N PRO B 125 19.42 28.34 -15.05
CA PRO B 125 18.67 27.54 -16.02
C PRO B 125 19.47 27.14 -17.27
N LYS B 126 20.67 27.69 -17.45
CA LYS B 126 21.58 27.34 -18.57
C LYS B 126 22.41 26.11 -18.18
N LYS B 127 22.20 25.57 -16.98
CA LYS B 127 23.16 24.57 -16.45
C LYS B 127 22.40 23.33 -15.99
N THR B 128 23.03 22.18 -16.19
CA THR B 128 22.49 20.86 -15.78
C THR B 128 23.60 20.10 -15.05
N GLY B 129 23.30 18.92 -14.54
CA GLY B 129 24.32 18.06 -13.92
C GLY B 129 23.66 17.01 -13.06
N GLY B 130 24.33 16.58 -12.01
CA GLY B 130 23.76 15.70 -10.99
C GLY B 130 24.88 14.89 -10.38
N PRO B 131 24.60 13.76 -9.71
CA PRO B 131 25.64 12.99 -9.05
C PRO B 131 26.33 12.01 -10.02
N ILE B 132 27.66 12.01 -9.95
CA ILE B 132 28.61 11.05 -10.57
C ILE B 132 29.32 10.30 -9.43
N TYR B 133 29.44 8.98 -9.51
CA TYR B 133 30.01 8.12 -8.45
C TYR B 133 31.35 7.61 -8.95
N ARG B 134 32.39 7.80 -8.14
CA ARG B 134 33.80 7.53 -8.54
C ARG B 134 34.43 6.67 -7.44
N ARG B 135 35.40 5.85 -7.84
CA ARG B 135 36.26 5.09 -6.91
C ARG B 135 37.35 6.04 -6.40
N ARG B 136 37.37 6.30 -5.10
CA ARG B 136 38.48 7.00 -4.43
C ARG B 136 38.84 6.18 -3.20
N ASP B 137 40.04 5.59 -3.16
CA ASP B 137 40.60 4.88 -1.97
C ASP B 137 39.74 3.68 -1.61
N GLY B 138 39.37 2.88 -2.63
CA GLY B 138 38.63 1.61 -2.47
C GLY B 138 37.22 1.79 -1.93
N LYS B 139 36.60 2.95 -2.12
CA LYS B 139 35.15 3.11 -1.81
C LYS B 139 34.53 3.98 -2.91
N TRP B 140 33.21 3.95 -3.02
CA TRP B 140 32.44 4.83 -3.95
C TRP B 140 32.24 6.17 -3.28
N VAL B 141 32.47 7.26 -3.97
CA VAL B 141 32.13 8.61 -3.47
C VAL B 141 31.20 9.29 -4.48
N ARG B 142 30.25 10.07 -3.95
CA ARG B 142 29.41 11.04 -4.69
C ARG B 142 30.23 12.28 -4.99
N GLU B 143 30.36 12.66 -6.25
CA GLU B 143 30.84 13.99 -6.68
C GLU B 143 29.74 14.63 -7.54
N LEU B 144 29.23 15.80 -7.16
CA LEU B 144 28.28 16.56 -8.01
C LEU B 144 29.00 17.24 -9.18
N ILE B 145 28.33 17.26 -10.33
CA ILE B 145 28.83 17.96 -11.55
C ILE B 145 27.80 18.97 -12.00
N LEU B 146 28.29 19.95 -12.75
CA LEU B 146 27.55 21.10 -13.26
C LEU B 146 28.05 21.32 -14.68
N TYR B 147 27.17 21.29 -15.67
CA TYR B 147 27.51 21.39 -17.11
C TYR B 147 26.59 22.39 -17.77
N ASP B 148 27.14 23.24 -18.64
CA ASP B 148 26.33 24.08 -19.55
C ASP B 148 25.49 23.12 -20.41
N LYS B 149 24.20 23.34 -20.45
CA LYS B 149 23.29 22.61 -21.37
C LYS B 149 23.85 22.69 -22.81
N GLU B 150 24.30 23.89 -23.18
CA GLU B 150 24.77 24.18 -24.55
C GLU B 150 25.86 23.18 -24.90
N GLU B 151 26.85 22.95 -24.06
CA GLU B 151 27.98 22.02 -24.37
C GLU B 151 27.45 20.56 -24.48
N ILE B 152 26.51 20.14 -23.63
CA ILE B 152 25.89 18.77 -23.67
C ILE B 152 25.20 18.58 -25.05
N ARG B 153 24.44 19.57 -25.48
CA ARG B 153 23.79 19.59 -26.81
C ARG B 153 24.85 19.37 -27.89
N ARG B 154 25.96 20.09 -27.77
CA ARG B 154 27.05 20.06 -28.76
C ARG B 154 27.58 18.63 -28.77
N ILE B 155 27.85 18.06 -27.60
CA ILE B 155 28.42 16.69 -27.49
C ILE B 155 27.43 15.70 -28.12
N TRP B 156 26.12 15.81 -27.84
CA TRP B 156 25.07 14.94 -28.43
C TRP B 156 25.00 15.08 -29.96
N ARG B 157 24.94 16.31 -30.48
N ARG B 157 24.90 16.31 -30.47
CA ARG B 157 24.93 16.57 -31.95
CA ARG B 157 24.85 16.61 -31.93
C ARG B 157 26.22 16.03 -32.58
C ARG B 157 26.18 16.14 -32.60
N GLN B 158 27.35 16.33 -31.98
CA GLN B 158 28.66 15.87 -32.52
C GLN B 158 28.71 14.32 -32.55
N ALA B 159 28.12 13.62 -31.56
CA ALA B 159 28.10 12.12 -31.58
C ALA B 159 27.10 11.62 -32.62
N ASN B 160 26.09 12.42 -32.95
CA ASN B 160 25.02 12.02 -33.91
C ASN B 160 25.28 12.68 -35.26
N ASN B 161 26.50 13.19 -35.46
CA ASN B 161 27.07 13.63 -36.75
C ASN B 161 26.24 14.80 -37.29
N GLY B 162 25.75 15.66 -36.39
CA GLY B 162 24.93 16.84 -36.69
C GLY B 162 23.46 16.56 -36.88
N GLU B 163 22.99 15.30 -36.93
CA GLU B 163 21.54 15.02 -37.17
C GLU B 163 20.73 15.53 -35.99
N ASP B 164 19.41 15.67 -36.19
CA ASP B 164 18.46 15.97 -35.09
C ASP B 164 18.78 15.03 -33.91
N ALA B 165 18.72 13.72 -34.17
CA ALA B 165 18.88 12.63 -33.19
C ALA B 165 17.89 12.80 -32.04
N THR B 166 16.65 13.19 -32.32
CA THR B 166 15.59 13.29 -31.30
C THR B 166 15.15 11.85 -30.93
N ALA B 167 15.17 10.92 -31.89
CA ALA B 167 14.82 9.50 -31.68
C ALA B 167 15.64 8.94 -30.51
N GLY B 168 16.94 9.17 -30.48
CA GLY B 168 17.81 8.68 -29.41
C GLY B 168 17.43 9.26 -28.04
N LEU B 169 17.07 10.54 -28.01
CA LEU B 169 16.59 11.18 -26.76
C LEU B 169 15.34 10.43 -26.27
N THR B 170 14.37 10.21 -27.16
CA THR B 170 13.08 9.64 -26.74
C THR B 170 13.37 8.20 -26.29
N HIS B 171 14.36 7.56 -26.90
CA HIS B 171 14.80 6.17 -26.56
C HIS B 171 15.27 6.10 -25.08
N MET B 172 16.13 7.05 -24.65
CA MET B 172 16.59 7.14 -23.24
C MET B 172 15.40 7.43 -22.31
N MET B 173 14.47 8.27 -22.77
CA MET B 173 13.23 8.58 -22.01
C MET B 173 12.39 7.31 -21.78
N ILE B 174 12.25 6.47 -22.79
CA ILE B 174 11.43 5.23 -22.70
C ILE B 174 12.14 4.24 -21.79
N TRP B 175 13.47 4.27 -21.79
CA TRP B 175 14.26 3.48 -20.80
C TRP B 175 13.95 3.98 -19.39
N HIS B 176 13.90 5.30 -19.16
CA HIS B 176 13.60 5.87 -17.82
C HIS B 176 12.16 5.45 -17.42
N SER B 177 11.21 5.57 -18.33
CA SER B 177 9.81 5.19 -18.11
C SER B 177 9.68 3.68 -17.79
N ASN B 178 10.44 2.83 -18.48
CA ASN B 178 10.33 1.37 -18.26
C ASN B 178 10.94 1.03 -16.90
N LEU B 179 12.02 1.72 -16.53
CA LEU B 179 12.64 1.51 -15.21
C LEU B 179 11.67 1.99 -14.12
N ASN B 180 11.00 3.14 -14.32
CA ASN B 180 10.03 3.66 -13.32
C ASN B 180 8.86 2.67 -13.17
N ASP B 181 8.30 2.19 -14.28
CA ASP B 181 7.21 1.18 -14.26
C ASP B 181 7.66 -0.03 -13.42
N ALA B 182 8.91 -0.49 -13.52
CA ALA B 182 9.41 -1.69 -12.82
C ALA B 182 9.68 -1.37 -11.33
N THR B 183 9.89 -0.08 -10.97
CA THR B 183 10.32 0.35 -9.62
C THR B 183 9.16 0.87 -8.75
N TYR B 184 8.31 1.78 -9.26
CA TYR B 184 7.39 2.56 -8.40
C TYR B 184 5.94 2.14 -8.63
N GLN B 185 5.21 2.22 -7.52
CA GLN B 185 3.74 2.08 -7.38
C GLN B 185 3.07 3.39 -7.82
N ARG B 186 1.90 3.28 -8.43
CA ARG B 186 1.05 4.41 -8.86
C ARG B 186 -0.38 4.31 -8.34
N THR B 187 -0.63 3.44 -7.34
CA THR B 187 -1.96 3.12 -6.78
C THR B 187 -2.59 4.40 -6.17
N ARG B 188 -1.78 5.26 -5.55
CA ARG B 188 -2.25 6.55 -5.00
C ARG B 188 -2.69 7.50 -6.14
N ALA B 189 -1.90 7.62 -7.20
CA ALA B 189 -2.29 8.44 -8.37
C ALA B 189 -3.63 7.91 -8.92
N LEU B 190 -3.78 6.58 -8.94
CA LEU B 190 -5.02 5.90 -9.43
C LEU B 190 -6.23 6.28 -8.53
N VAL B 191 -6.07 6.17 -7.21
CA VAL B 191 -7.17 6.43 -6.25
C VAL B 191 -7.55 7.90 -6.38
N ARG B 192 -6.57 8.81 -6.46
CA ARG B 192 -6.79 10.28 -6.55
CA ARG B 192 -6.80 10.28 -6.55
C ARG B 192 -7.68 10.59 -7.77
N THR B 193 -7.60 9.76 -8.83
CA THR B 193 -8.27 9.98 -10.13
C THR B 193 -9.60 9.22 -10.17
N GLY B 194 -9.95 8.52 -9.10
CA GLY B 194 -11.19 7.70 -9.08
C GLY B 194 -11.08 6.43 -9.88
N MET B 195 -9.87 5.94 -10.08
CA MET B 195 -9.60 4.65 -10.76
C MET B 195 -9.38 3.53 -9.74
N ASP B 196 -9.43 2.28 -10.17
CA ASP B 196 -9.22 1.10 -9.27
C ASP B 196 -7.73 0.82 -9.12
N PRO B 197 -7.25 0.41 -7.93
CA PRO B 197 -5.89 -0.07 -7.78
C PRO B 197 -5.53 -1.27 -8.66
N ARG B 198 -6.48 -2.13 -8.97
CA ARG B 198 -6.28 -3.28 -9.89
C ARG B 198 -5.83 -2.77 -11.28
N MET B 199 -6.07 -1.49 -11.60
CA MET B 199 -5.66 -0.95 -12.91
C MET B 199 -4.14 -0.68 -12.95
N CYS B 200 -3.38 -1.05 -11.90
CA CYS B 200 -1.89 -0.99 -11.84
C CYS B 200 -1.27 -1.69 -13.06
N SER B 201 -1.85 -2.80 -13.50
CA SER B 201 -1.33 -3.62 -14.62
C SER B 201 -1.57 -2.94 -15.98
N LEU B 202 -2.30 -1.82 -16.02
CA LEU B 202 -2.63 -1.06 -17.27
C LEU B 202 -1.84 0.25 -17.36
N MET B 203 -0.84 0.48 -16.49
CA MET B 203 -0.19 1.81 -16.35
C MET B 203 1.17 1.87 -17.05
N GLN B 204 1.45 1.07 -18.06
CA GLN B 204 2.71 1.25 -18.82
C GLN B 204 2.81 2.73 -19.23
N GLY B 205 4.02 3.30 -19.10
CA GLY B 205 4.40 4.63 -19.57
C GLY B 205 3.76 5.73 -18.76
N SER B 206 3.17 5.45 -17.58
CA SER B 206 2.42 6.44 -16.78
C SER B 206 3.32 7.58 -16.29
N THR B 207 4.66 7.44 -16.30
CA THR B 207 5.58 8.54 -15.89
C THR B 207 6.18 9.26 -17.11
N LEU B 208 5.83 8.88 -18.35
CA LEU B 208 6.36 9.56 -19.56
C LEU B 208 5.95 11.03 -19.59
N PRO B 209 6.86 11.97 -19.93
CA PRO B 209 6.46 13.34 -20.27
C PRO B 209 5.58 13.52 -21.54
N ARG B 210 4.89 14.66 -21.67
CA ARG B 210 4.21 15.11 -22.93
C ARG B 210 5.13 14.85 -24.14
N ARG B 211 6.35 15.43 -24.06
N ARG B 211 6.33 15.47 -24.12
CA ARG B 211 7.32 15.66 -25.15
CA ARG B 211 7.22 15.68 -25.28
C ARG B 211 7.75 14.35 -25.82
C ARG B 211 7.72 14.34 -25.87
N SER B 212 7.14 13.20 -25.47
CA SER B 212 7.64 11.86 -25.85
C SER B 212 7.13 11.47 -27.24
N GLY B 213 6.16 12.22 -27.78
CA GLY B 213 5.70 12.03 -29.18
C GLY B 213 5.12 10.65 -29.40
N ALA B 214 5.25 10.12 -30.62
CA ALA B 214 4.56 8.92 -31.11
C ALA B 214 5.11 7.64 -30.46
N ALA B 215 6.42 7.55 -30.18
CA ALA B 215 6.99 6.35 -29.51
C ALA B 215 6.43 6.26 -28.09
N GLY B 216 6.37 7.41 -27.39
CA GLY B 216 5.84 7.52 -26.03
C GLY B 216 4.41 7.03 -26.00
N ALA B 217 3.58 7.64 -26.84
CA ALA B 217 2.12 7.35 -26.99
C ALA B 217 1.93 5.88 -27.32
N ALA B 218 2.78 5.31 -28.16
CA ALA B 218 2.68 3.90 -28.58
C ALA B 218 2.78 2.95 -27.37
N ILE B 219 3.65 3.23 -26.39
CA ILE B 219 3.86 2.31 -25.24
C ILE B 219 2.96 2.64 -24.02
N LYS B 220 2.22 3.74 -24.03
CA LYS B 220 1.33 4.11 -22.91
C LYS B 220 0.21 3.10 -22.85
N GLY B 221 -0.04 2.53 -21.68
CA GLY B 221 -1.16 1.57 -21.51
C GLY B 221 -2.50 2.30 -21.47
N VAL B 222 -3.57 1.53 -21.42
CA VAL B 222 -4.99 2.00 -21.38
C VAL B 222 -5.20 2.86 -20.14
N GLY B 223 -4.75 2.35 -18.96
CA GLY B 223 -4.86 3.05 -17.66
C GLY B 223 -4.21 4.42 -17.73
N THR B 224 -3.02 4.49 -18.33
CA THR B 224 -2.23 5.75 -18.45
C THR B 224 -3.02 6.80 -19.22
N MET B 225 -3.57 6.40 -20.39
CA MET B 225 -4.40 7.23 -21.29
C MET B 225 -5.68 7.64 -20.55
N VAL B 226 -6.31 6.69 -19.83
CA VAL B 226 -7.58 6.97 -19.07
C VAL B 226 -7.28 7.96 -17.92
N MET B 227 -6.19 7.75 -17.19
CA MET B 227 -5.76 8.69 -16.13
C MET B 227 -5.56 10.10 -16.72
N GLU B 228 -4.89 10.23 -17.86
CA GLU B 228 -4.67 11.54 -18.53
C GLU B 228 -6.02 12.16 -18.95
N LEU B 229 -6.92 11.40 -19.57
CA LEU B 229 -8.26 11.92 -20.01
C LEU B 229 -9.10 12.33 -18.79
N ILE B 230 -9.13 11.52 -17.73
CA ILE B 230 -9.87 11.86 -16.47
C ILE B 230 -9.29 13.16 -15.89
N ARG B 231 -7.96 13.34 -15.89
CA ARG B 231 -7.33 14.57 -15.32
C ARG B 231 -7.77 15.78 -16.15
N MET B 232 -7.91 15.64 -17.47
CA MET B 232 -8.38 16.75 -18.35
C MET B 232 -9.87 17.07 -18.07
N ILE B 233 -10.76 16.06 -18.15
CA ILE B 233 -12.22 16.20 -17.82
C ILE B 233 -12.37 16.98 -16.51
N LYS B 234 -11.69 16.57 -15.42
CA LYS B 234 -11.81 17.17 -14.07
C LYS B 234 -11.43 18.66 -14.10
N ARG B 235 -10.36 19.06 -14.80
CA ARG B 235 -10.00 20.50 -14.92
C ARG B 235 -11.13 21.25 -15.62
N GLY B 236 -11.75 20.62 -16.63
CA GLY B 236 -12.90 21.14 -17.39
C GLY B 236 -14.17 21.29 -16.56
N ILE B 237 -14.45 20.34 -15.66
CA ILE B 237 -15.54 20.42 -14.64
C ILE B 237 -15.26 21.61 -13.73
N ASN B 238 -14.03 21.70 -13.24
CA ASN B 238 -13.50 22.68 -12.26
C ASN B 238 -13.73 24.11 -12.79
N ASP B 239 -13.35 24.41 -14.05
CA ASP B 239 -13.47 25.76 -14.68
C ASP B 239 -14.10 25.64 -16.08
N ARG B 240 -15.30 26.23 -16.26
CA ARG B 240 -16.01 26.34 -17.56
C ARG B 240 -15.05 26.84 -18.66
N ASN B 241 -14.28 27.90 -18.37
CA ASN B 241 -13.44 28.62 -19.35
C ASN B 241 -12.11 27.88 -19.57
N PHE B 242 -12.04 26.60 -19.18
CA PHE B 242 -11.02 25.61 -19.65
C PHE B 242 -11.25 25.33 -21.13
N TRP B 243 -12.51 25.12 -21.56
CA TRP B 243 -12.87 24.72 -22.95
C TRP B 243 -13.14 25.92 -23.86
N ARG B 244 -13.02 27.17 -23.40
CA ARG B 244 -13.61 28.33 -24.16
C ARG B 244 -12.52 29.18 -24.84
N GLY B 245 -12.64 29.30 -26.17
CA GLY B 245 -11.97 30.29 -27.03
C GLY B 245 -10.49 29.99 -27.26
N GLU B 246 -9.98 30.32 -28.46
CA GLU B 246 -8.55 30.27 -28.90
C GLU B 246 -7.80 29.13 -28.20
N ASN B 247 -7.49 29.30 -26.90
CA ASN B 247 -6.69 28.39 -26.04
C ASN B 247 -7.52 27.17 -25.61
N GLY B 248 -8.83 27.35 -25.40
CA GLY B 248 -9.83 26.28 -25.23
C GLY B 248 -9.98 25.44 -26.48
N ARG B 249 -9.87 26.04 -27.67
CA ARG B 249 -9.80 25.33 -28.98
C ARG B 249 -8.59 24.40 -28.96
N ARG B 250 -7.45 24.88 -28.45
CA ARG B 250 -6.19 24.10 -28.33
C ARG B 250 -6.51 22.79 -27.59
N THR B 251 -6.79 22.88 -26.28
CA THR B 251 -6.93 21.73 -25.35
C THR B 251 -8.03 20.78 -25.87
N ARG B 252 -8.98 21.27 -26.67
CA ARG B 252 -10.05 20.42 -27.28
C ARG B 252 -9.46 19.42 -28.30
N ILE B 253 -8.52 19.82 -29.16
CA ILE B 253 -7.93 18.84 -30.12
C ILE B 253 -6.94 17.92 -29.37
N ALA B 254 -6.16 18.45 -28.42
CA ALA B 254 -5.31 17.62 -27.52
C ALA B 254 -6.18 16.52 -26.88
N TYR B 255 -7.36 16.89 -26.38
CA TYR B 255 -8.39 15.95 -25.85
C TYR B 255 -8.77 14.93 -26.93
N GLU B 256 -9.03 15.40 -28.14
CA GLU B 256 -9.51 14.54 -29.26
C GLU B 256 -8.38 13.55 -29.63
N ARG B 257 -7.15 14.04 -29.77
CA ARG B 257 -5.98 13.18 -30.14
C ARG B 257 -5.85 12.08 -29.07
N MET B 258 -5.90 12.47 -27.80
CA MET B 258 -5.75 11.54 -26.66
C MET B 258 -6.84 10.45 -26.77
N CYS B 259 -8.05 10.82 -27.15
CA CYS B 259 -9.15 9.84 -27.39
C CYS B 259 -8.79 8.87 -28.53
N ASN B 260 -8.21 9.35 -29.64
CA ASN B 260 -7.88 8.50 -30.82
C ASN B 260 -6.72 7.56 -30.48
N ILE B 261 -5.71 8.07 -29.78
CA ILE B 261 -4.59 7.21 -29.29
C ILE B 261 -5.18 6.07 -28.44
N LEU B 262 -6.03 6.38 -27.49
CA LEU B 262 -6.65 5.33 -26.63
C LEU B 262 -7.58 4.43 -27.48
N LYS B 263 -8.37 5.02 -28.40
CA LYS B 263 -9.18 4.24 -29.38
C LYS B 263 -8.26 3.28 -30.15
N GLY B 264 -7.11 3.74 -30.62
CA GLY B 264 -6.17 2.85 -31.34
C GLY B 264 -5.78 1.62 -30.53
N LYS B 265 -5.72 1.72 -29.19
CA LYS B 265 -5.26 0.64 -28.27
C LYS B 265 -6.35 -0.42 -28.07
N PHE B 266 -7.63 -0.07 -28.10
CA PHE B 266 -8.73 -1.06 -27.93
C PHE B 266 -8.80 -1.95 -29.17
N GLN B 267 -9.10 -3.23 -28.99
CA GLN B 267 -9.06 -4.24 -30.09
C GLN B 267 -10.47 -4.75 -30.43
N THR B 268 -11.54 -4.24 -29.79
CA THR B 268 -12.97 -4.54 -30.11
C THR B 268 -13.69 -3.27 -30.60
N ALA B 269 -14.61 -3.42 -31.55
CA ALA B 269 -15.40 -2.31 -32.17
C ALA B 269 -16.26 -1.63 -31.10
N ALA B 270 -16.87 -2.43 -30.22
CA ALA B 270 -17.65 -1.91 -29.07
C ALA B 270 -16.77 -0.93 -28.29
N GLN B 271 -15.58 -1.33 -27.86
CA GLN B 271 -14.72 -0.46 -27.01
C GLN B 271 -14.36 0.79 -27.81
N LYS B 272 -13.97 0.63 -29.08
CA LYS B 272 -13.57 1.74 -29.98
C LYS B 272 -14.73 2.74 -30.19
N ALA B 273 -15.97 2.23 -30.27
CA ALA B 273 -17.19 3.03 -30.54
C ALA B 273 -17.45 3.94 -29.34
N MET B 274 -17.36 3.34 -28.17
CA MET B 274 -17.49 4.00 -26.85
C MET B 274 -16.52 5.19 -26.78
N MET B 275 -15.30 5.04 -27.29
CA MET B 275 -14.29 6.14 -27.30
C MET B 275 -14.72 7.23 -28.30
N ASP B 276 -15.27 6.85 -29.45
CA ASP B 276 -15.85 7.82 -30.44
C ASP B 276 -16.86 8.72 -29.72
N GLN B 277 -17.78 8.11 -28.95
CA GLN B 277 -18.80 8.79 -28.10
C GLN B 277 -18.11 9.70 -27.09
N VAL B 278 -17.03 9.21 -26.45
CA VAL B 278 -16.33 9.99 -25.41
C VAL B 278 -15.68 11.19 -26.09
N ARG B 279 -15.10 10.99 -27.29
CA ARG B 279 -14.39 12.08 -28.03
C ARG B 279 -15.40 13.19 -28.39
N GLU B 280 -16.64 12.83 -28.74
CA GLU B 280 -17.63 13.81 -29.24
C GLU B 280 -18.75 14.06 -28.22
N SER B 281 -18.39 14.41 -26.97
CA SER B 281 -19.23 15.13 -26.00
C SER B 281 -18.79 16.58 -25.97
N ARG B 282 -19.71 17.55 -26.07
CA ARG B 282 -19.35 18.99 -26.16
C ARG B 282 -18.95 19.48 -24.76
N ASN B 283 -19.59 18.95 -23.71
CA ASN B 283 -19.24 19.25 -22.29
C ASN B 283 -18.78 17.96 -21.61
N PRO B 284 -17.50 17.55 -21.81
CA PRO B 284 -16.95 16.41 -21.08
C PRO B 284 -17.07 16.58 -19.56
N GLY B 285 -17.70 15.61 -18.88
CA GLY B 285 -17.77 15.60 -17.41
C GLY B 285 -17.88 14.18 -16.88
N ASN B 286 -18.58 14.02 -15.74
CA ASN B 286 -18.60 12.77 -14.95
C ASN B 286 -19.07 11.59 -15.80
N ALA B 287 -19.97 11.81 -16.77
CA ALA B 287 -20.54 10.71 -17.59
C ALA B 287 -19.42 10.07 -18.45
N GLU B 288 -18.51 10.92 -18.93
CA GLU B 288 -17.30 10.51 -19.72
C GLU B 288 -16.29 9.85 -18.77
N ILE B 289 -15.97 10.45 -17.61
CA ILE B 289 -15.13 9.79 -16.58
C ILE B 289 -15.65 8.37 -16.30
N GLU B 290 -16.95 8.24 -16.04
CA GLU B 290 -17.62 6.93 -15.74
C GLU B 290 -17.42 5.96 -16.90
N ASP B 291 -17.56 6.44 -18.14
CA ASP B 291 -17.38 5.63 -19.38
C ASP B 291 -15.89 5.24 -19.50
N LEU B 292 -14.98 6.17 -19.16
CA LEU B 292 -13.53 5.87 -19.23
C LEU B 292 -13.17 4.82 -18.16
N ILE B 293 -13.72 4.94 -16.96
CA ILE B 293 -13.52 3.91 -15.89
C ILE B 293 -14.04 2.54 -16.39
N PHE B 294 -15.22 2.51 -17.01
CA PHE B 294 -15.84 1.25 -17.52
C PHE B 294 -14.90 0.60 -18.54
N LEU B 295 -14.32 1.44 -19.40
CA LEU B 295 -13.40 1.01 -20.49
C LEU B 295 -12.10 0.44 -19.89
N ALA B 296 -11.54 1.11 -18.87
CA ALA B 296 -10.32 0.65 -18.16
C ALA B 296 -10.60 -0.72 -17.55
N ARG B 297 -11.76 -0.90 -16.91
CA ARG B 297 -12.15 -2.19 -16.28
C ARG B 297 -12.21 -3.28 -17.34
N SER B 298 -12.81 -2.99 -18.50
CA SER B 298 -12.93 -3.94 -19.63
C SER B 298 -11.54 -4.34 -20.15
N ALA B 299 -10.58 -3.39 -20.17
CA ALA B 299 -9.20 -3.61 -20.67
C ALA B 299 -8.45 -4.61 -19.79
N LEU B 300 -9.00 -4.94 -18.60
CA LEU B 300 -8.45 -5.99 -17.72
C LEU B 300 -8.77 -7.39 -18.29
N ILE B 301 -9.76 -7.53 -19.16
CA ILE B 301 -10.19 -8.84 -19.71
C ILE B 301 -10.11 -8.81 -21.25
N LEU B 302 -10.67 -7.78 -21.89
CA LEU B 302 -10.52 -7.52 -23.34
C LEU B 302 -9.33 -6.58 -23.54
N ARG B 303 -8.12 -7.16 -23.57
CA ARG B 303 -6.85 -6.42 -23.40
C ARG B 303 -6.55 -5.55 -24.62
N GLY B 304 -5.91 -4.41 -24.34
CA GLY B 304 -5.42 -3.46 -25.34
C GLY B 304 -4.26 -4.04 -26.15
N SER B 305 -3.94 -3.36 -27.25
CA SER B 305 -2.70 -3.50 -28.05
C SER B 305 -1.76 -2.35 -27.68
N ILE B 306 -0.71 -2.68 -26.95
CA ILE B 306 0.28 -1.72 -26.41
C ILE B 306 1.61 -2.11 -27.02
N ALA B 307 2.32 -1.18 -27.63
CA ALA B 307 3.74 -1.35 -28.03
C ALA B 307 4.60 -1.55 -26.78
N HIS B 308 5.63 -2.38 -26.90
CA HIS B 308 6.57 -2.80 -25.84
C HIS B 308 7.96 -2.60 -26.44
N LYS B 309 8.77 -1.67 -25.91
CA LYS B 309 10.11 -1.35 -26.45
C LYS B 309 11.17 -1.59 -25.37
N SER B 310 12.03 -2.57 -25.57
CA SER B 310 13.26 -2.85 -24.75
C SER B 310 14.36 -1.83 -25.08
N CYS B 311 14.54 -0.86 -24.22
CA CYS B 311 15.54 0.22 -24.36
C CYS B 311 16.54 0.08 -23.23
N LEU B 312 17.82 0.08 -23.54
CA LEU B 312 18.84 -0.26 -22.52
C LEU B 312 19.49 1.04 -22.06
N PRO B 313 20.12 1.04 -20.88
CA PRO B 313 20.86 2.23 -20.46
C PRO B 313 21.94 2.54 -21.49
N ALA B 314 22.31 3.80 -21.62
CA ALA B 314 23.34 4.29 -22.58
C ALA B 314 24.66 3.55 -22.38
N CYS B 315 25.00 3.18 -21.16
CA CYS B 315 26.31 2.53 -20.85
C CYS B 315 26.42 1.15 -21.53
N VAL B 316 25.31 0.46 -21.79
CA VAL B 316 25.35 -0.84 -22.53
C VAL B 316 25.66 -0.54 -24.01
N TYR B 317 25.06 0.49 -24.61
CA TYR B 317 25.35 0.82 -26.04
C TYR B 317 26.79 1.36 -26.14
N GLY B 318 27.19 2.17 -25.15
CA GLY B 318 28.57 2.67 -25.03
C GLY B 318 29.60 1.55 -24.96
N LEU B 319 29.40 0.56 -24.09
CA LEU B 319 30.37 -0.57 -24.01
C LEU B 319 30.31 -1.35 -25.33
N ALA B 320 29.13 -1.55 -25.91
CA ALA B 320 29.07 -2.18 -27.25
C ALA B 320 29.88 -1.32 -28.24
N VAL B 321 29.72 0.00 -28.30
CA VAL B 321 30.45 0.66 -29.45
C VAL B 321 31.95 0.71 -29.14
N ALA B 322 32.39 0.71 -27.88
CA ALA B 322 33.84 0.79 -27.53
C ALA B 322 34.55 -0.51 -27.96
N SER B 323 33.85 -1.64 -27.88
CA SER B 323 34.30 -2.99 -28.35
C SER B 323 34.15 -3.17 -29.87
N GLY B 324 33.84 -2.10 -30.61
CA GLY B 324 33.89 -2.08 -32.07
C GLY B 324 32.62 -2.59 -32.72
N TYR B 325 31.59 -2.88 -31.96
CA TYR B 325 30.28 -3.27 -32.53
C TYR B 325 29.83 -2.14 -33.45
N ASP B 326 29.36 -2.49 -34.64
CA ASP B 326 28.93 -1.57 -35.72
C ASP B 326 27.40 -1.69 -35.86
N PHE B 327 26.65 -0.88 -35.12
CA PHE B 327 25.17 -1.03 -35.03
C PHE B 327 24.52 -0.71 -36.38
N GLU B 328 25.12 0.23 -37.11
CA GLU B 328 24.68 0.78 -38.42
C GLU B 328 24.68 -0.36 -39.45
N ARG B 329 25.76 -1.11 -39.49
CA ARG B 329 25.99 -2.20 -40.47
C ARG B 329 25.20 -3.45 -40.05
N GLU B 330 25.27 -3.87 -38.80
CA GLU B 330 24.54 -5.06 -38.30
C GLU B 330 23.03 -4.73 -38.23
N GLY B 331 22.69 -3.45 -38.17
CA GLY B 331 21.32 -3.02 -37.83
C GLY B 331 21.00 -3.29 -36.37
N TYR B 332 19.81 -2.89 -35.93
CA TYR B 332 19.33 -3.14 -34.55
C TYR B 332 17.81 -3.11 -34.55
N SER B 333 17.21 -3.86 -33.65
CA SER B 333 15.74 -3.93 -33.43
C SER B 333 15.45 -4.00 -31.95
N LEU B 334 14.36 -3.35 -31.49
CA LEU B 334 13.97 -3.31 -30.06
C LEU B 334 13.03 -4.49 -29.72
N VAL B 335 12.93 -5.48 -30.60
CA VAL B 335 11.76 -6.40 -30.68
C VAL B 335 12.22 -7.88 -30.69
N GLY B 336 13.39 -8.20 -31.23
CA GLY B 336 13.78 -9.61 -31.30
C GLY B 336 14.94 -9.97 -30.41
N ILE B 337 15.93 -10.60 -31.02
CA ILE B 337 17.10 -11.19 -30.34
C ILE B 337 18.05 -10.06 -29.88
N ASP B 338 18.00 -8.90 -30.56
CA ASP B 338 19.09 -7.88 -30.51
C ASP B 338 19.38 -7.43 -29.07
N PRO B 339 18.36 -6.98 -28.30
CA PRO B 339 18.61 -6.57 -26.92
C PRO B 339 19.10 -7.72 -26.03
N PHE B 340 18.67 -8.95 -26.33
CA PHE B 340 19.08 -10.13 -25.54
C PHE B 340 20.56 -10.37 -25.82
N ARG B 341 20.98 -10.24 -27.08
CA ARG B 341 22.39 -10.52 -27.44
C ARG B 341 23.27 -9.53 -26.69
N LEU B 342 22.89 -8.25 -26.70
CA LEU B 342 23.67 -7.17 -26.03
C LEU B 342 23.67 -7.41 -24.53
N LEU B 343 22.52 -7.79 -23.95
CA LEU B 343 22.52 -7.97 -22.48
C LEU B 343 23.34 -9.21 -22.10
N GLN B 344 23.34 -10.21 -22.96
CA GLN B 344 24.07 -11.49 -22.66
C GLN B 344 25.56 -11.22 -22.44
N ASN B 345 26.14 -10.27 -23.16
CA ASN B 345 27.59 -9.94 -23.13
C ASN B 345 27.82 -8.65 -22.34
N SER B 346 26.81 -8.11 -21.66
CA SER B 346 26.86 -6.79 -20.94
C SER B 346 27.71 -6.92 -19.68
N GLN B 347 28.27 -5.82 -19.17
CA GLN B 347 28.88 -5.74 -17.82
C GLN B 347 28.47 -4.41 -17.24
N VAL B 348 27.39 -4.46 -16.48
CA VAL B 348 26.80 -3.30 -15.79
C VAL B 348 26.93 -3.53 -14.27
N PHE B 349 27.44 -2.53 -13.58
CA PHE B 349 27.52 -2.50 -12.11
C PHE B 349 26.37 -1.64 -11.60
N SER B 350 25.89 -1.94 -10.39
CA SER B 350 24.98 -1.10 -9.61
C SER B 350 25.49 -0.90 -8.18
N LEU B 351 25.45 0.34 -7.68
CA LEU B 351 25.43 0.59 -6.22
C LEU B 351 24.33 -0.29 -5.61
N ILE B 352 24.61 -0.88 -4.45
CA ILE B 352 23.71 -1.75 -3.63
C ILE B 352 23.63 -1.11 -2.25
N ARG B 353 22.44 -0.77 -1.74
CA ARG B 353 22.27 -0.29 -0.36
C ARG B 353 22.58 -1.42 0.63
N PRO B 354 23.03 -1.10 1.86
CA PRO B 354 23.15 -2.12 2.92
C PRO B 354 21.85 -2.93 3.10
N ASN B 355 21.94 -4.25 3.20
CA ASN B 355 20.74 -5.13 3.38
C ASN B 355 19.89 -5.21 2.10
N GLU B 356 20.34 -4.68 0.96
CA GLU B 356 19.66 -5.02 -0.32
C GLU B 356 20.29 -6.27 -0.89
N ASN B 357 19.46 -7.09 -1.51
CA ASN B 357 19.83 -8.33 -2.23
C ASN B 357 20.17 -7.98 -3.67
N PRO B 358 21.47 -8.06 -4.08
CA PRO B 358 21.88 -7.72 -5.44
C PRO B 358 21.19 -8.55 -6.54
N ALA B 359 20.76 -9.80 -6.23
CA ALA B 359 20.02 -10.62 -7.23
C ALA B 359 18.63 -9.99 -7.46
N HIS B 360 18.14 -9.22 -6.49
CA HIS B 360 16.80 -8.56 -6.53
C HIS B 360 16.94 -7.26 -7.34
N LYS B 361 18.03 -6.52 -7.15
CA LYS B 361 18.38 -5.35 -7.98
C LYS B 361 18.56 -5.75 -9.46
N SER B 362 19.23 -6.86 -9.73
CA SER B 362 19.39 -7.49 -11.07
C SER B 362 18.02 -7.75 -11.71
N GLN B 363 17.11 -8.39 -11.00
CA GLN B 363 15.73 -8.64 -11.51
C GLN B 363 15.10 -7.30 -11.94
N LEU B 364 15.17 -6.29 -11.09
CA LEU B 364 14.56 -4.96 -11.37
C LEU B 364 15.07 -4.46 -12.71
N VAL B 365 16.40 -4.45 -12.91
CA VAL B 365 17.05 -3.89 -14.14
C VAL B 365 16.77 -4.78 -15.36
N TRP B 366 16.82 -6.10 -15.18
CA TRP B 366 16.51 -7.05 -16.29
C TRP B 366 15.08 -6.75 -16.80
N MET B 367 14.18 -6.52 -15.85
CA MET B 367 12.75 -6.29 -16.11
C MET B 367 12.54 -4.94 -16.83
N ALA B 368 13.17 -3.88 -16.34
CA ALA B 368 13.18 -2.55 -16.97
C ALA B 368 13.73 -2.67 -18.40
N CYS B 369 14.85 -3.35 -18.60
CA CYS B 369 15.53 -3.44 -19.92
C CYS B 369 14.63 -4.15 -20.93
N HIS B 370 13.87 -5.18 -20.51
CA HIS B 370 12.98 -5.99 -21.38
C HIS B 370 11.51 -5.50 -21.28
N SER B 371 11.27 -4.33 -20.68
CA SER B 371 9.91 -3.73 -20.58
C SER B 371 8.91 -4.82 -20.17
N ALA B 372 9.18 -5.51 -19.05
CA ALA B 372 8.54 -6.79 -18.66
C ALA B 372 7.71 -6.66 -17.38
N ALA B 373 7.50 -5.47 -16.83
CA ALA B 373 6.73 -5.29 -15.57
C ALA B 373 5.30 -5.82 -15.72
N PHE B 374 4.73 -5.75 -16.92
CA PHE B 374 3.29 -5.97 -17.15
C PHE B 374 3.11 -7.38 -17.73
N GLU B 375 4.19 -8.15 -17.84
CA GLU B 375 4.16 -9.50 -18.42
C GLU B 375 3.97 -10.50 -17.28
N ASP B 376 3.37 -11.63 -17.63
CA ASP B 376 3.17 -12.79 -16.72
C ASP B 376 4.53 -13.23 -16.19
N LEU B 377 4.67 -13.27 -14.85
CA LEU B 377 5.94 -13.67 -14.17
C LEU B 377 6.39 -15.09 -14.58
N ARG B 378 5.46 -16.01 -14.84
CA ARG B 378 5.81 -17.41 -15.18
C ARG B 378 6.44 -17.43 -16.59
N VAL B 379 5.93 -16.60 -17.50
CA VAL B 379 6.53 -16.39 -18.84
C VAL B 379 7.92 -15.78 -18.66
N SER B 380 8.06 -14.68 -17.94
CA SER B 380 9.34 -14.00 -17.63
C SER B 380 10.31 -14.97 -16.99
N SER B 381 9.85 -15.78 -16.04
CA SER B 381 10.70 -16.81 -15.39
C SER B 381 11.30 -17.80 -16.41
N PHE B 382 10.46 -18.24 -17.33
CA PHE B 382 10.82 -19.25 -18.34
C PHE B 382 11.91 -18.67 -19.26
N ILE B 383 11.65 -17.48 -19.80
CA ILE B 383 12.59 -16.78 -20.72
C ILE B 383 13.89 -16.46 -19.97
N ARG B 384 13.77 -16.05 -18.72
CA ARG B 384 14.94 -15.67 -17.91
C ARG B 384 15.76 -16.91 -17.53
N GLY B 385 15.09 -18.02 -17.21
CA GLY B 385 15.73 -19.24 -16.66
C GLY B 385 16.03 -19.15 -15.17
N THR B 386 15.63 -18.08 -14.48
CA THR B 386 15.59 -18.03 -12.99
C THR B 386 14.31 -17.31 -12.60
N ARG B 387 13.79 -17.59 -11.41
CA ARG B 387 12.46 -17.13 -11.00
C ARG B 387 12.41 -15.59 -11.00
N VAL B 388 11.39 -15.02 -11.64
CA VAL B 388 11.08 -13.56 -11.62
C VAL B 388 9.90 -13.41 -10.67
N ILE B 389 10.13 -12.78 -9.52
CA ILE B 389 9.19 -12.77 -8.36
C ILE B 389 8.47 -11.44 -8.29
N PRO B 390 7.27 -11.41 -7.69
CA PRO B 390 6.53 -10.17 -7.46
C PRO B 390 7.38 -9.09 -6.77
N ARG B 391 7.08 -7.83 -7.08
CA ARG B 391 7.85 -6.67 -6.56
C ARG B 391 7.83 -6.66 -5.03
N GLY B 392 6.68 -6.99 -4.45
CA GLY B 392 6.46 -7.07 -2.99
C GLY B 392 7.43 -8.00 -2.29
N GLN B 393 8.01 -8.94 -3.01
CA GLN B 393 8.97 -9.93 -2.44
C GLN B 393 10.40 -9.51 -2.71
N LEU B 394 10.65 -8.40 -3.41
CA LEU B 394 12.05 -7.96 -3.72
C LEU B 394 12.62 -7.24 -2.49
N SER B 395 13.86 -7.57 -2.11
CA SER B 395 14.68 -6.81 -1.13
C SER B 395 15.58 -5.85 -1.88
N THR B 396 14.98 -4.88 -2.55
CA THR B 396 15.69 -3.74 -3.15
C THR B 396 14.73 -2.58 -3.28
N ARG B 397 15.28 -1.39 -3.23
CA ARG B 397 14.60 -0.17 -3.67
C ARG B 397 15.25 0.13 -5.02
N GLY B 398 14.93 1.27 -5.61
CA GLY B 398 15.31 1.59 -7.00
C GLY B 398 16.80 1.81 -7.19
N VAL B 399 17.17 2.03 -8.43
CA VAL B 399 18.56 2.25 -8.90
C VAL B 399 19.11 3.58 -8.42
N GLN B 400 18.29 4.63 -8.49
CA GLN B 400 18.76 6.02 -8.23
C GLN B 400 19.04 6.11 -6.74
N ILE B 401 20.13 6.78 -6.41
CA ILE B 401 20.53 7.06 -5.01
C ILE B 401 20.05 8.47 -4.67
N ALA B 402 19.25 8.61 -3.62
CA ALA B 402 18.80 9.93 -3.10
C ALA B 402 20.00 10.70 -2.52
N SER B 403 19.89 12.02 -2.49
CA SER B 403 20.94 13.02 -2.11
C SER B 403 21.40 12.83 -0.66
N ASN B 404 20.48 12.45 0.22
CA ASN B 404 20.76 12.29 1.66
C ASN B 404 21.38 10.93 1.94
N GLU B 405 21.59 10.05 0.95
CA GLU B 405 22.07 8.66 1.20
C GLU B 405 23.59 8.64 1.26
N ASN B 406 24.13 7.73 2.07
CA ASN B 406 25.56 7.54 2.28
C ASN B 406 26.10 6.50 1.29
N VAL B 407 26.80 6.93 0.24
CA VAL B 407 27.28 6.00 -0.82
C VAL B 407 28.61 5.35 -0.38
N GLU B 408 29.30 5.92 0.61
CA GLU B 408 30.59 5.39 1.11
C GLU B 408 30.37 4.05 1.82
N ALA B 409 29.17 3.83 2.35
CA ALA B 409 28.73 2.56 2.94
C ALA B 409 28.31 1.52 1.88
N MET B 410 28.29 1.87 0.59
CA MET B 410 27.66 1.03 -0.47
C MET B 410 28.74 0.31 -1.26
N ASP B 411 28.52 -0.96 -1.52
CA ASP B 411 29.34 -1.76 -2.45
C ASP B 411 28.70 -1.55 -3.82
N SER B 412 29.32 -2.02 -4.90
CA SER B 412 28.65 -2.27 -6.20
C SER B 412 28.69 -3.77 -6.53
N SER B 413 27.69 -4.24 -7.25
CA SER B 413 27.60 -5.61 -7.83
C SER B 413 27.49 -5.49 -9.34
N THR B 414 28.01 -6.50 -9.99
CA THR B 414 27.73 -6.78 -11.39
C THR B 414 26.26 -7.16 -11.40
N LEU B 415 25.49 -6.49 -12.21
CA LEU B 415 24.10 -6.89 -12.46
C LEU B 415 24.11 -8.20 -13.29
N GLU B 416 23.20 -9.09 -12.96
CA GLU B 416 22.95 -10.33 -13.71
C GLU B 416 21.82 -10.03 -14.68
N LEU B 417 22.16 -9.79 -15.95
CA LEU B 417 21.20 -9.30 -16.95
C LEU B 417 20.99 -10.31 -18.08
N ARG B 418 21.57 -11.50 -17.97
CA ARG B 418 21.48 -12.57 -19.01
C ARG B 418 20.10 -13.22 -18.98
N SER B 419 19.75 -13.87 -20.09
CA SER B 419 18.58 -14.77 -20.18
C SER B 419 19.06 -16.15 -20.65
N ARG B 420 18.29 -17.17 -20.33
CA ARG B 420 18.38 -18.52 -20.89
C ARG B 420 17.86 -18.44 -22.33
N TYR B 421 16.68 -17.83 -22.54
CA TYR B 421 16.10 -17.75 -23.90
C TYR B 421 15.91 -16.28 -24.29
N TRP B 422 15.57 -16.06 -25.57
CA TRP B 422 15.08 -14.78 -26.08
C TRP B 422 13.66 -15.04 -26.54
N ALA B 423 12.90 -13.97 -26.83
CA ALA B 423 11.47 -14.01 -27.22
C ALA B 423 11.15 -12.90 -28.23
N ILE B 424 10.11 -13.04 -29.03
CA ILE B 424 9.68 -11.98 -29.99
C ILE B 424 8.58 -11.12 -29.37
N THR B 446 -24.23 5.05 -24.96
CA THR B 446 -23.12 4.25 -24.39
C THR B 446 -23.64 2.87 -23.91
N SER B 447 -24.95 2.71 -23.75
CA SER B 447 -25.61 1.57 -23.05
C SER B 447 -25.56 0.29 -23.89
N ASP B 448 -25.66 0.41 -25.22
CA ASP B 448 -25.58 -0.73 -26.17
C ASP B 448 -24.19 -1.36 -26.07
N MET B 449 -23.16 -0.55 -26.32
CA MET B 449 -21.75 -0.96 -26.35
C MET B 449 -21.34 -1.49 -24.98
N ARG B 450 -21.77 -0.84 -23.88
CA ARG B 450 -21.60 -1.36 -22.48
C ARG B 450 -22.05 -2.82 -22.41
N THR B 451 -23.31 -3.09 -22.80
CA THR B 451 -23.96 -4.43 -22.78
C THR B 451 -23.10 -5.41 -23.57
N GLU B 452 -22.75 -5.04 -24.81
CA GLU B 452 -21.90 -5.85 -25.73
C GLU B 452 -20.52 -6.07 -25.09
N ILE B 453 -19.94 -5.06 -24.44
CA ILE B 453 -18.59 -5.20 -23.79
C ILE B 453 -18.73 -6.15 -22.58
N ILE B 454 -19.84 -6.08 -21.82
CA ILE B 454 -20.15 -7.03 -20.70
C ILE B 454 -20.29 -8.45 -21.25
N ARG B 455 -21.05 -8.64 -22.32
CA ARG B 455 -21.29 -10.00 -22.88
C ARG B 455 -19.92 -10.58 -23.23
N MET B 456 -19.05 -9.81 -23.90
CA MET B 456 -17.71 -10.27 -24.35
C MET B 456 -16.86 -10.62 -23.13
N MET B 457 -16.86 -9.75 -22.12
CA MET B 457 -16.13 -9.95 -20.86
C MET B 457 -16.53 -11.27 -20.21
N GLU B 458 -17.84 -11.60 -20.17
CA GLU B 458 -18.35 -12.86 -19.58
C GLU B 458 -17.92 -14.07 -20.43
N SER B 459 -17.92 -13.95 -21.76
CA SER B 459 -17.57 -15.01 -22.74
C SER B 459 -16.06 -15.29 -22.74
N ALA B 460 -15.25 -14.35 -22.30
CA ALA B 460 -13.76 -14.42 -22.39
C ALA B 460 -13.25 -15.62 -21.59
N ARG B 461 -12.19 -16.27 -22.07
CA ARG B 461 -11.51 -17.41 -21.39
C ARG B 461 -10.68 -16.85 -20.23
N PRO B 462 -10.67 -17.52 -19.05
CA PRO B 462 -9.99 -16.98 -17.86
C PRO B 462 -8.47 -17.23 -17.89
N PHE B 467 1.90 -20.75 -24.01
CA PHE B 467 0.68 -20.11 -23.45
C PHE B 467 0.66 -18.66 -23.96
N GLN B 468 1.08 -17.71 -23.10
CA GLN B 468 1.67 -16.41 -23.53
C GLN B 468 3.19 -16.58 -23.77
N GLY B 469 3.70 -17.82 -23.66
CA GLY B 469 5.12 -18.17 -23.82
C GLY B 469 5.51 -18.59 -25.23
N ARG B 470 4.77 -18.14 -26.24
CA ARG B 470 4.89 -18.64 -27.65
C ARG B 470 6.34 -18.52 -28.14
N GLY B 471 6.66 -17.41 -28.84
CA GLY B 471 7.90 -17.25 -29.62
C GLY B 471 9.08 -17.04 -28.68
N VAL B 472 9.44 -18.10 -27.98
CA VAL B 472 10.67 -18.23 -27.14
C VAL B 472 11.66 -19.13 -27.90
N PHE B 473 12.89 -18.70 -28.06
CA PHE B 473 13.93 -19.38 -28.88
C PHE B 473 15.24 -19.43 -28.11
N GLU B 474 16.11 -20.37 -28.47
CA GLU B 474 17.51 -20.43 -27.96
C GLU B 474 18.26 -19.23 -28.53
N LEU B 475 19.28 -18.73 -27.82
CA LEU B 475 20.15 -17.60 -28.24
C LEU B 475 20.97 -18.00 -29.47
N SER B 476 21.23 -19.29 -29.65
CA SER B 476 21.91 -19.85 -30.87
C SER B 476 20.92 -19.93 -32.05
N ASP B 477 19.62 -19.76 -31.84
CA ASP B 477 18.57 -19.85 -32.89
C ASP B 477 18.29 -18.44 -33.38
N GLU B 478 19.27 -17.81 -34.01
CA GLU B 478 19.26 -16.42 -34.55
C GLU B 478 17.99 -16.20 -35.38
N LYS B 479 17.74 -17.06 -36.37
CA LYS B 479 16.45 -17.10 -37.09
C LYS B 479 15.54 -17.95 -36.22
N ALA B 480 14.32 -17.52 -36.02
CA ALA B 480 13.42 -18.09 -34.99
C ALA B 480 12.72 -19.32 -35.61
N THR B 481 13.45 -20.43 -35.73
CA THR B 481 13.01 -21.70 -36.41
C THR B 481 12.45 -22.71 -35.41
N ASN B 482 12.92 -22.71 -34.15
CA ASN B 482 12.66 -23.80 -33.18
C ASN B 482 12.03 -23.24 -31.89
N PRO B 483 10.73 -22.90 -31.92
CA PRO B 483 10.00 -22.47 -30.74
C PRO B 483 10.21 -23.43 -29.58
N ILE B 484 10.51 -22.92 -28.39
CA ILE B 484 10.73 -23.76 -27.17
C ILE B 484 9.41 -23.92 -26.46
N VAL B 485 9.08 -25.12 -26.04
CA VAL B 485 7.82 -25.39 -25.29
C VAL B 485 7.96 -24.83 -23.88
N PRO B 486 7.07 -23.89 -23.48
CA PRO B 486 7.12 -23.26 -22.17
C PRO B 486 6.96 -24.23 -20.98
N SER B 487 7.71 -23.96 -19.92
CA SER B 487 7.79 -24.77 -18.70
C SER B 487 7.65 -23.83 -17.50
N PHE B 488 6.47 -23.82 -16.87
CA PHE B 488 6.03 -22.83 -15.84
C PHE B 488 5.75 -23.59 -14.54
N ASP B 489 6.06 -22.97 -13.41
CA ASP B 489 5.42 -23.30 -12.12
C ASP B 489 4.07 -22.57 -12.05
N MET B 490 3.01 -23.23 -12.52
CA MET B 490 1.68 -22.63 -12.77
C MET B 490 1.06 -22.13 -11.45
N SER B 491 1.56 -22.56 -10.30
CA SER B 491 0.99 -22.18 -8.98
C SER B 491 1.65 -20.89 -8.45
N ASN B 492 2.65 -20.35 -9.16
CA ASN B 492 3.21 -19.01 -8.87
C ASN B 492 2.24 -17.95 -9.38
N GLU B 493 2.26 -16.77 -8.76
CA GLU B 493 1.42 -15.62 -9.16
C GLU B 493 1.89 -15.11 -10.50
N GLY B 494 0.96 -14.69 -11.34
CA GLY B 494 1.21 -14.17 -12.69
C GLY B 494 1.61 -12.71 -12.66
N SER B 495 1.05 -11.93 -11.73
CA SER B 495 1.16 -10.46 -11.76
C SER B 495 2.35 -10.01 -10.89
N TYR B 496 3.21 -9.16 -11.46
CA TYR B 496 4.33 -8.49 -10.74
C TYR B 496 3.80 -7.68 -9.54
N PHE B 497 2.50 -7.29 -9.57
CA PHE B 497 1.87 -6.31 -8.66
C PHE B 497 1.17 -7.00 -7.48
N PHE B 498 1.09 -8.34 -7.50
CA PHE B 498 0.51 -9.07 -6.34
C PHE B 498 1.35 -8.83 -5.08
N GLY B 499 0.71 -8.42 -3.99
CA GLY B 499 1.39 -8.11 -2.71
C GLY B 499 2.33 -6.91 -2.79
N ASP B 500 2.14 -5.99 -3.74
CA ASP B 500 3.05 -4.82 -3.98
C ASP B 500 3.22 -3.99 -2.70
N ASN B 501 4.46 -3.56 -2.41
CA ASN B 501 4.80 -2.62 -1.31
C ASN B 501 5.77 -1.53 -1.80
N ALA B 502 5.92 -1.35 -3.12
CA ALA B 502 6.95 -0.44 -3.67
C ALA B 502 6.57 0.98 -3.25
N GLU B 503 7.56 1.85 -3.15
CA GLU B 503 7.37 3.31 -2.98
C GLU B 503 6.47 3.85 -4.11
N GLU B 504 5.67 4.83 -3.75
CA GLU B 504 4.78 5.56 -4.67
C GLU B 504 5.68 6.51 -5.46
N TYR B 505 5.45 6.63 -6.76
CA TYR B 505 6.21 7.58 -7.62
C TYR B 505 5.93 9.03 -7.17
N ASP B 506 6.98 9.83 -6.99
CA ASP B 506 6.95 11.28 -6.62
C ASP B 506 8.36 11.87 -6.75
#